data_6KEB
#
_entry.id   6KEB
#
_cell.length_a   125.600
_cell.length_b   125.630
_cell.length_c   191.840
_cell.angle_alpha   90.000
_cell.angle_beta   90.000
_cell.angle_gamma   90.000
#
_symmetry.space_group_name_H-M   'P 2 21 21'
#
loop_
_entity.id
_entity.type
_entity.pdbx_description
1 polymer 'Ion transport protein'
2 non-polymer 1,2-DIMYRISTOYL-SN-GLYCERO-3-PHOSPHOCHOLINE
3 non-polymer 'CALCIUM ION'
4 non-polymer '[(2~{S},3~{R})-5-[2-(dimethylamino)ethyl]-2-(4-methoxyphenyl)-4-oxidanylidene-2,3-dihydro-1,5-benzothiazepin-3-yl] ethanoate'
5 water water
#
_entity_poly.entity_id   1
_entity_poly.type   'polypeptide(L)'
_entity_poly.pdbx_seq_one_letter_code
;DYKDDDDKGSLVPRGSHMYLRITNIVESSFFTKFIIYLIVLNGITMGLETSKTFMQSFGVYTTLFNQIVITIFTIEIILR
IYVHRISFFKDPWSLFDFFVVAISLVPTSSGFEILRVLRVLRLFRLVTAVPQMRKIVSALISVIPGMLSVIALMTLFFYI
FAIMATQLFGERFPEWFGTLGESFYTLFQVMTLDDWSNGIVRPLMEVYPYAWVFFIPFIFVVTFVMINLVVAIIVDAMAI
LNQKEEQHIIDEVQSHEDNINNEIIKLREEIVELKELIKTSLKN
;
_entity_poly.pdbx_strand_id   A,B,C,D
#
loop_
_chem_comp.id
_chem_comp.type
_chem_comp.name
_chem_comp.formula
CA non-polymer 'CALCIUM ION' 'Ca 2'
D6C non-polymer '[(2~{S},3~{R})-5-[2-(dimethylamino)ethyl]-2-(4-methoxyphenyl)-4-oxidanylidene-2,3-dihydro-1,5-benzothiazepin-3-yl] ethanoate' 'C22 H26 N2 O4 S'
PX4 non-polymer 1,2-DIMYRISTOYL-SN-GLYCERO-3-PHOSPHOCHOLINE 'C36 H73 N O8 P 1'
#
# COMPACT_ATOMS: atom_id res chain seq x y z
N MET A 18 39.29 36.39 28.21
CA MET A 18 38.05 36.82 27.47
C MET A 18 37.22 35.67 26.91
N TYR A 19 37.65 34.43 27.15
CA TYR A 19 37.08 33.26 26.51
C TYR A 19 35.67 32.93 26.99
N LEU A 20 35.41 33.05 28.29
CA LEU A 20 34.07 32.69 28.81
C LEU A 20 33.01 33.77 28.62
N ARG A 21 33.31 34.86 27.91
CA ARG A 21 32.27 35.84 27.54
C ARG A 21 31.56 35.43 26.27
N ILE A 22 32.32 34.91 25.30
CA ILE A 22 31.74 34.32 24.09
C ILE A 22 31.12 32.94 24.37
N THR A 23 31.47 32.33 25.50
CA THR A 23 30.88 31.05 25.95
C THR A 23 29.59 31.26 26.76
N ASN A 24 29.28 32.52 27.09
CA ASN A 24 28.08 32.85 27.87
C ASN A 24 27.10 33.72 27.09
N ILE A 25 27.18 33.70 25.76
CA ILE A 25 26.11 34.21 24.86
C ILE A 25 25.66 33.11 23.89
N VAL A 26 26.62 32.48 23.20
CA VAL A 26 26.40 31.30 22.35
C VAL A 26 25.44 30.29 22.99
N GLU A 27 25.56 30.12 24.31
CA GLU A 27 24.76 29.13 25.03
C GLU A 27 23.40 29.66 25.45
N SER A 28 23.15 30.96 25.27
CA SER A 28 21.96 31.61 25.84
C SER A 28 20.73 31.28 25.03
N SER A 29 19.61 31.90 25.42
CA SER A 29 18.33 31.66 24.77
C SER A 29 17.91 32.79 23.83
N PHE A 30 18.78 33.78 23.63
CA PHE A 30 18.54 34.88 22.68
C PHE A 30 19.31 34.66 21.38
N PHE A 31 20.63 34.46 21.52
CA PHE A 31 21.47 33.98 20.41
C PHE A 31 20.84 32.79 19.67
N THR A 32 20.17 31.91 20.41
CA THR A 32 19.50 30.76 19.83
C THR A 32 18.24 31.16 19.06
N LYS A 33 17.39 31.95 19.67
CA LYS A 33 16.16 32.38 19.00
C LYS A 33 16.47 33.37 17.87
N PHE A 34 17.70 33.89 17.81
CA PHE A 34 18.12 34.79 16.72
C PHE A 34 18.45 34.00 15.43
N ILE A 35 18.96 32.78 15.57
CA ILE A 35 19.15 31.87 14.45
C ILE A 35 17.81 31.26 14.03
N ILE A 36 17.17 30.55 14.95
CA ILE A 36 15.85 29.94 14.73
C ILE A 36 14.85 30.93 14.11
N TYR A 37 14.94 32.21 14.47
CA TYR A 37 14.13 33.22 13.81
C TYR A 37 14.71 33.56 12.45
N LEU A 38 16.03 33.58 12.32
CA LEU A 38 16.65 33.85 11.00
C LEU A 38 16.35 32.72 10.06
N ILE A 39 16.72 31.51 10.48
CA ILE A 39 16.22 30.26 9.87
C ILE A 39 14.81 30.52 9.30
N VAL A 40 13.87 30.86 10.16
CA VAL A 40 12.48 30.95 9.76
C VAL A 40 12.26 32.09 8.77
N LEU A 41 13.04 33.16 8.84
CA LEU A 41 12.89 34.21 7.81
C LEU A 41 13.50 33.81 6.48
N ASN A 42 14.81 33.58 6.43
CA ASN A 42 15.45 33.02 5.22
C ASN A 42 14.73 31.71 4.75
N GLY A 43 14.08 31.00 5.67
CA GLY A 43 13.21 29.91 5.27
C GLY A 43 12.03 30.40 4.49
N ILE A 44 11.41 31.48 4.95
CA ILE A 44 10.29 32.08 4.23
C ILE A 44 10.76 32.78 2.94
N THR A 45 12.01 33.24 2.91
CA THR A 45 12.48 34.03 1.78
C THR A 45 12.71 33.20 0.52
N MET A 46 13.12 31.95 0.69
CA MET A 46 13.49 31.10 -0.44
C MET A 46 12.27 30.52 -1.15
N GLY A 47 11.13 30.52 -0.46
CA GLY A 47 9.86 30.27 -1.13
C GLY A 47 9.33 31.48 -1.89
N LEU A 48 9.88 32.66 -1.64
CA LEU A 48 9.51 33.84 -2.40
C LEU A 48 10.33 33.96 -3.65
N GLU A 49 11.59 33.52 -3.59
CA GLU A 49 12.40 33.32 -4.81
C GLU A 49 11.61 32.53 -5.86
N THR A 50 10.94 31.49 -5.41
CA THR A 50 10.06 30.71 -6.23
C THR A 50 9.22 31.54 -7.20
N SER A 51 8.60 32.59 -6.68
CA SER A 51 7.76 33.45 -7.52
C SER A 51 8.63 34.09 -8.56
N LYS A 52 8.25 33.93 -9.82
CA LYS A 52 8.93 34.66 -10.89
C LYS A 52 8.56 36.16 -10.79
N THR A 53 7.36 36.46 -10.29
CA THR A 53 6.94 37.84 -10.10
C THR A 53 7.75 38.53 -8.99
N PHE A 54 8.16 37.77 -7.98
CA PHE A 54 8.92 38.31 -6.85
C PHE A 54 10.40 38.51 -7.12
N MET A 55 10.93 38.06 -8.26
CA MET A 55 12.36 38.19 -8.55
C MET A 55 12.75 39.39 -9.38
N GLN A 56 11.78 39.98 -10.06
CA GLN A 56 12.00 41.19 -10.85
C GLN A 56 11.27 42.37 -10.23
N SER A 57 10.71 42.18 -9.02
CA SER A 57 10.11 43.27 -8.23
C SER A 57 10.98 43.63 -7.02
N PHE A 58 11.32 42.63 -6.22
CA PHE A 58 12.03 42.87 -4.98
C PHE A 58 13.17 41.87 -4.79
N GLY A 59 13.84 41.53 -5.89
CA GLY A 59 14.98 40.61 -5.84
C GLY A 59 16.18 41.12 -5.07
N VAL A 60 16.33 42.44 -4.97
CA VAL A 60 17.50 43.04 -4.33
C VAL A 60 17.59 42.60 -2.88
N TYR A 61 16.51 42.82 -2.13
CA TYR A 61 16.50 42.48 -0.71
C TYR A 61 16.55 40.96 -0.51
N THR A 62 16.20 40.19 -1.54
CA THR A 62 16.34 38.75 -1.49
C THR A 62 17.81 38.35 -1.53
N THR A 63 18.56 38.94 -2.45
CA THR A 63 19.97 38.64 -2.58
C THR A 63 20.73 39.03 -1.32
N LEU A 64 20.41 40.20 -0.79
CA LEU A 64 21.11 40.73 0.37
C LEU A 64 20.74 39.99 1.66
N PHE A 65 19.44 39.88 1.93
CA PHE A 65 18.97 39.19 3.12
C PHE A 65 19.67 37.84 3.26
N ASN A 66 19.66 37.06 2.20
CA ASN A 66 20.46 35.85 2.14
C ASN A 66 21.95 36.13 2.41
N GLN A 67 22.49 37.13 1.74
CA GLN A 67 23.91 37.48 1.91
C GLN A 67 24.25 37.78 3.37
N ILE A 68 23.35 38.48 4.07
CA ILE A 68 23.55 38.80 5.48
C ILE A 68 23.43 37.52 6.31
N VAL A 69 22.42 36.72 6.01
CA VAL A 69 22.22 35.47 6.73
C VAL A 69 23.48 34.62 6.69
N ILE A 70 24.06 34.43 5.50
CA ILE A 70 25.27 33.62 5.40
C ILE A 70 26.45 34.24 6.15
N THR A 71 26.45 35.57 6.26
CA THR A 71 27.38 36.23 7.17
C THR A 71 27.13 35.81 8.61
N ILE A 72 25.91 36.03 9.07
CA ILE A 72 25.53 35.67 10.42
C ILE A 72 25.83 34.20 10.73
N PHE A 73 25.59 33.33 9.79
CA PHE A 73 25.71 31.90 10.04
C PHE A 73 27.17 31.42 10.08
N THR A 74 27.98 31.88 9.13
CA THR A 74 29.42 31.56 9.18
C THR A 74 30.07 32.21 10.40
N ILE A 75 29.50 33.31 10.89
CA ILE A 75 29.90 33.86 12.17
C ILE A 75 29.43 32.96 13.30
N GLU A 76 28.14 32.66 13.33
CA GLU A 76 27.58 31.75 14.33
C GLU A 76 28.43 30.48 14.45
N ILE A 77 28.79 29.91 13.30
CA ILE A 77 29.48 28.63 13.29
C ILE A 77 30.92 28.76 13.78
N ILE A 78 31.59 29.83 13.37
CA ILE A 78 32.91 30.14 13.95
C ILE A 78 32.76 30.49 15.44
N LEU A 79 31.63 31.06 15.84
CA LEU A 79 31.39 31.33 17.25
C LEU A 79 31.17 30.07 18.09
N ARG A 80 30.47 29.09 17.53
CA ARG A 80 30.22 27.83 18.24
C ARG A 80 31.43 26.90 18.23
N ILE A 81 32.35 27.10 17.28
CA ILE A 81 33.60 26.31 17.20
C ILE A 81 34.49 26.59 18.40
N TYR A 82 34.52 27.84 18.86
CA TYR A 82 35.37 28.21 19.99
C TYR A 82 34.80 27.71 21.30
N VAL A 83 33.52 27.95 21.49
CA VAL A 83 32.86 27.50 22.69
C VAL A 83 32.94 25.99 22.77
N HIS A 84 32.77 25.33 21.63
CA HIS A 84 32.74 23.88 21.62
C HIS A 84 34.04 23.21 21.23
N ARG A 85 34.67 23.66 20.14
CA ARG A 85 35.91 23.05 19.69
C ARG A 85 35.70 21.55 19.52
N ILE A 86 36.41 20.75 20.28
CA ILE A 86 36.38 19.30 20.19
C ILE A 86 34.99 18.75 20.41
N SER A 87 34.20 19.39 21.27
CA SER A 87 32.79 19.04 21.41
C SER A 87 31.98 19.29 20.12
N PHE A 88 32.44 20.21 19.27
CA PHE A 88 31.70 20.62 18.06
C PHE A 88 31.88 19.66 16.90
N PHE A 89 33.13 19.40 16.52
CA PHE A 89 33.44 18.50 15.40
C PHE A 89 33.35 17.00 15.76
N LYS A 90 32.64 16.68 16.84
CA LYS A 90 32.28 15.29 17.18
C LYS A 90 30.76 15.11 17.38
N ASP A 91 29.98 16.17 17.08
CA ASP A 91 28.51 16.18 17.17
C ASP A 91 27.90 15.91 15.77
N PRO A 92 26.77 15.19 15.71
CA PRO A 92 26.09 15.09 14.42
C PRO A 92 25.68 16.47 13.93
N TRP A 93 24.90 17.14 14.77
CA TRP A 93 24.09 18.26 14.36
C TRP A 93 24.95 19.45 13.93
N SER A 94 26.25 19.41 14.28
CA SER A 94 27.20 20.47 13.93
C SER A 94 27.98 20.15 12.66
N LEU A 95 28.53 18.94 12.56
CA LEU A 95 29.11 18.47 11.30
C LEU A 95 28.09 18.58 10.15
N PHE A 96 26.83 18.29 10.48
CA PHE A 96 25.72 18.70 9.61
C PHE A 96 25.85 20.20 9.34
N ASP A 97 25.76 21.00 10.41
CA ASP A 97 25.69 22.46 10.25
C ASP A 97 26.92 23.12 9.64
N PHE A 98 28.09 22.51 9.84
CA PHE A 98 29.29 23.03 9.21
C PHE A 98 29.19 22.86 7.69
N PHE A 99 28.92 21.64 7.23
CA PHE A 99 28.87 21.36 5.79
C PHE A 99 27.65 21.99 5.14
N VAL A 100 26.49 21.79 5.75
CA VAL A 100 25.23 22.38 5.28
C VAL A 100 25.33 23.88 5.05
N VAL A 101 26.16 24.56 5.84
CA VAL A 101 26.46 25.97 5.62
C VAL A 101 27.68 26.16 4.71
N ALA A 102 28.69 25.30 4.86
CA ALA A 102 29.89 25.36 4.02
C ALA A 102 29.52 25.40 2.56
N ILE A 103 28.51 24.58 2.24
CA ILE A 103 27.99 24.43 0.87
C ILE A 103 27.58 25.78 0.25
N SER A 104 26.96 26.65 1.04
CA SER A 104 26.56 27.96 0.56
C SER A 104 27.72 28.95 0.40
N LEU A 105 28.89 28.64 0.96
CA LEU A 105 30.05 29.51 0.84
C LEU A 105 30.94 29.21 -0.37
N VAL A 106 30.67 28.14 -1.09
CA VAL A 106 31.47 27.92 -2.26
C VAL A 106 31.23 29.08 -3.20
N PRO A 107 32.16 29.33 -4.12
CA PRO A 107 32.16 30.51 -4.96
C PRO A 107 30.92 30.78 -5.77
N THR A 108 30.20 29.71 -6.18
CA THR A 108 28.93 29.70 -6.97
C THR A 108 29.16 29.84 -8.45
N SER A 109 30.41 29.89 -8.84
CA SER A 109 30.79 29.96 -10.23
C SER A 109 31.55 28.68 -10.52
N SER A 110 31.33 28.16 -11.73
CA SER A 110 31.85 26.87 -12.19
C SER A 110 31.29 25.76 -11.31
N GLY A 111 32.07 24.70 -11.15
CA GLY A 111 31.65 23.55 -10.41
C GLY A 111 30.39 23.04 -11.06
N PHE A 112 29.33 22.93 -10.29
CA PHE A 112 28.06 22.48 -10.83
C PHE A 112 26.96 23.37 -10.27
N GLU A 113 25.89 23.55 -11.04
CA GLU A 113 24.78 24.42 -10.64
C GLU A 113 23.98 23.79 -9.49
N ILE A 114 24.11 22.48 -9.31
CA ILE A 114 23.51 21.79 -8.15
C ILE A 114 24.24 22.03 -6.83
N LEU A 115 25.42 22.65 -6.88
CA LEU A 115 26.00 23.27 -5.68
C LEU A 115 25.03 24.34 -5.19
N ARG A 116 24.62 25.22 -6.11
CA ARG A 116 23.73 26.35 -5.80
C ARG A 116 22.35 25.95 -5.31
N VAL A 117 21.90 24.75 -5.62
CA VAL A 117 20.55 24.31 -5.20
C VAL A 117 20.57 23.82 -3.72
N LEU A 118 21.66 23.18 -3.33
CA LEU A 118 21.84 22.68 -1.97
C LEU A 118 21.64 23.78 -0.94
N ARG A 119 22.04 25.00 -1.26
CA ARG A 119 21.77 26.17 -0.42
C ARG A 119 20.45 26.16 0.35
N VAL A 120 19.45 25.41 -0.11
CA VAL A 120 18.18 25.26 0.61
C VAL A 120 18.16 24.07 1.58
N LEU A 121 19.22 23.28 1.61
CA LEU A 121 19.33 22.30 2.65
C LEU A 121 19.60 22.92 4.00
N ARG A 122 19.91 24.21 4.04
CA ARG A 122 20.07 24.89 5.32
C ARG A 122 18.73 24.92 6.09
N LEU A 123 17.64 25.23 5.41
CA LEU A 123 16.33 25.27 6.03
C LEU A 123 16.00 23.94 6.77
N PHE A 124 16.82 22.91 6.60
CA PHE A 124 16.84 21.79 7.51
C PHE A 124 17.21 22.13 8.95
N ARG A 125 17.84 23.29 9.16
CA ARG A 125 18.40 23.64 10.48
C ARG A 125 17.32 23.92 11.53
N LEU A 126 16.19 24.49 11.08
CA LEU A 126 14.95 24.53 11.87
C LEU A 126 14.67 23.18 12.59
N VAL A 127 15.24 22.10 12.06
CA VAL A 127 15.24 20.81 12.72
C VAL A 127 16.43 20.70 13.70
N THR A 128 17.64 21.03 13.25
CA THR A 128 18.81 20.95 14.10
C THR A 128 18.63 21.77 15.38
N ALA A 129 18.41 23.06 15.18
CA ALA A 129 18.43 24.04 16.25
C ALA A 129 17.14 24.14 17.09
N VAL A 130 16.15 23.28 16.87
CA VAL A 130 14.95 23.25 17.67
C VAL A 130 14.74 21.87 18.25
N PRO A 131 14.96 21.70 19.58
CA PRO A 131 15.00 20.40 20.23
C PRO A 131 13.86 19.40 20.06
N GLN A 132 12.59 19.78 19.98
CA GLN A 132 11.56 18.75 19.80
C GLN A 132 11.74 17.98 18.51
N MET A 133 12.14 18.67 17.45
CA MET A 133 12.43 18.09 16.12
C MET A 133 13.60 17.12 16.14
N ARG A 134 14.58 17.47 16.97
CA ARG A 134 15.74 16.65 17.21
C ARG A 134 15.36 15.31 17.85
N LYS A 135 14.45 15.32 18.80
CA LYS A 135 14.03 14.09 19.47
C LYS A 135 12.99 13.32 18.66
N ILE A 136 12.25 14.02 17.79
CA ILE A 136 11.35 13.36 16.84
C ILE A 136 12.17 12.79 15.67
N VAL A 137 13.23 13.48 15.27
CA VAL A 137 14.10 13.01 14.20
C VAL A 137 14.98 11.86 14.61
N SER A 138 15.54 11.91 15.81
CA SER A 138 16.33 10.78 16.34
C SER A 138 15.44 9.59 16.72
N ALA A 139 14.15 9.83 16.97
CA ALA A 139 13.22 8.73 17.14
C ALA A 139 13.05 7.87 15.87
N LEU A 140 13.75 8.23 14.78
CA LEU A 140 13.70 7.51 13.49
C LEU A 140 15.06 6.97 13.06
N ILE A 141 16.08 7.79 13.14
CA ILE A 141 17.45 7.33 12.93
C ILE A 141 17.76 6.18 13.89
N SER A 142 17.16 6.26 15.11
CA SER A 142 17.36 5.25 16.15
C SER A 142 16.98 3.87 15.70
N VAL A 143 15.75 3.74 15.19
CA VAL A 143 15.30 2.46 14.67
C VAL A 143 15.78 2.36 13.21
N ILE A 144 17.10 2.41 13.05
CA ILE A 144 17.78 2.22 11.77
C ILE A 144 18.93 1.24 11.92
N PRO A 145 19.75 1.37 12.99
CA PRO A 145 20.71 0.27 13.26
C PRO A 145 20.10 -1.13 13.52
N GLY A 146 18.87 -1.20 14.01
CA GLY A 146 18.15 -2.47 14.13
C GLY A 146 17.62 -3.05 12.83
N MET A 147 17.52 -2.20 11.79
CA MET A 147 17.05 -2.59 10.43
C MET A 147 18.17 -2.88 9.43
N LEU A 148 19.36 -2.32 9.63
CA LEU A 148 20.49 -2.49 8.69
C LEU A 148 20.96 -3.95 8.55
N SER A 149 20.35 -4.87 9.29
CA SER A 149 20.46 -6.31 9.01
C SER A 149 19.71 -6.63 7.71
N VAL A 150 18.39 -6.53 7.72
CA VAL A 150 17.55 -6.98 6.63
C VAL A 150 17.60 -5.97 5.45
N ILE A 151 18.15 -4.78 5.67
CA ILE A 151 18.64 -3.95 4.56
C ILE A 151 19.81 -4.66 3.83
N ALA A 152 20.58 -5.47 4.55
CA ALA A 152 21.59 -6.31 3.91
C ALA A 152 20.99 -7.47 3.13
N LEU A 153 20.06 -8.21 3.72
CA LEU A 153 19.49 -9.40 3.04
C LEU A 153 18.83 -9.04 1.71
N MET A 154 18.04 -7.96 1.73
CA MET A 154 17.28 -7.54 0.54
C MET A 154 18.20 -6.95 -0.50
N THR A 155 19.01 -5.99 -0.12
CA THR A 155 19.98 -5.40 -1.05
C THR A 155 20.82 -6.46 -1.75
N LEU A 156 20.89 -7.64 -1.12
CA LEU A 156 21.51 -8.80 -1.74
C LEU A 156 20.65 -9.36 -2.87
N PHE A 157 19.41 -9.67 -2.55
CA PHE A 157 18.37 -10.14 -3.52
C PHE A 157 18.23 -9.18 -4.70
N PHE A 158 17.91 -7.92 -4.37
CA PHE A 158 17.90 -6.81 -5.34
C PHE A 158 19.17 -6.71 -6.15
N TYR A 159 20.25 -7.36 -5.73
CA TYR A 159 21.43 -7.44 -6.57
C TYR A 159 21.31 -8.66 -7.43
N ILE A 160 21.19 -9.81 -6.78
CA ILE A 160 21.28 -11.09 -7.49
C ILE A 160 20.33 -11.11 -8.69
N PHE A 161 19.06 -10.79 -8.46
CA PHE A 161 18.11 -10.65 -9.55
C PHE A 161 18.54 -9.50 -10.49
N ALA A 162 18.83 -8.33 -9.92
CA ALA A 162 19.29 -7.18 -10.72
C ALA A 162 20.41 -7.53 -11.71
N ILE A 163 21.09 -8.65 -11.48
CA ILE A 163 21.91 -9.23 -12.51
C ILE A 163 21.01 -9.90 -13.56
N MET A 164 20.26 -10.91 -13.15
CA MET A 164 19.48 -11.75 -14.07
C MET A 164 18.61 -10.89 -14.99
N ALA A 165 17.88 -9.95 -14.39
CA ALA A 165 17.06 -9.04 -15.16
C ALA A 165 17.88 -8.45 -16.33
N THR A 166 19.04 -7.91 -16.03
CA THR A 166 19.87 -7.35 -17.09
C THR A 166 20.25 -8.36 -18.11
N GLN A 167 20.37 -9.61 -17.71
CA GLN A 167 20.86 -10.65 -18.62
C GLN A 167 19.76 -11.60 -19.10
N LEU A 168 18.52 -11.33 -18.73
CA LEU A 168 17.39 -12.02 -19.32
C LEU A 168 16.60 -11.14 -20.26
N PHE A 169 16.71 -9.80 -20.16
CA PHE A 169 15.89 -8.91 -20.96
C PHE A 169 16.61 -7.60 -21.32
N GLY A 170 17.89 -7.60 -21.54
CA GLY A 170 18.58 -6.35 -21.78
C GLY A 170 19.00 -6.05 -23.21
N GLU A 171 19.09 -7.10 -24.02
CA GLU A 171 19.44 -6.97 -25.42
C GLU A 171 18.25 -6.35 -26.19
N ARG A 172 17.06 -6.82 -25.87
CA ARG A 172 15.81 -6.34 -26.46
C ARG A 172 15.04 -5.30 -25.62
N PHE A 173 14.97 -5.51 -24.31
CA PHE A 173 14.22 -4.61 -23.46
C PHE A 173 15.13 -3.63 -22.77
N PRO A 174 15.90 -2.92 -23.56
CA PRO A 174 16.94 -2.05 -23.14
C PRO A 174 16.59 -0.94 -22.22
N GLU A 175 15.62 -0.06 -22.42
CA GLU A 175 15.43 1.07 -21.48
C GLU A 175 15.37 0.55 -20.05
N TRP A 176 14.31 -0.19 -19.84
CA TRP A 176 14.04 -0.72 -18.52
C TRP A 176 15.19 -1.59 -17.96
N PHE A 177 15.84 -2.38 -18.79
CA PHE A 177 16.79 -3.28 -18.27
C PHE A 177 18.11 -3.25 -19.01
N GLY A 178 18.64 -2.06 -19.33
CA GLY A 178 19.94 -2.04 -20.08
C GLY A 178 21.17 -2.43 -19.27
N THR A 179 21.77 -1.41 -18.67
CA THR A 179 22.77 -1.56 -17.66
C THR A 179 22.23 -2.19 -16.40
N LEU A 180 23.16 -2.78 -15.62
CA LEU A 180 22.96 -3.21 -14.20
C LEU A 180 22.04 -2.23 -13.49
N GLY A 181 22.42 -0.95 -13.55
CA GLY A 181 21.60 0.16 -13.01
C GLY A 181 20.18 0.17 -13.50
N GLU A 182 19.99 0.24 -14.81
CA GLU A 182 18.69 0.23 -15.41
C GLU A 182 17.85 -0.94 -14.87
N SER A 183 18.48 -2.05 -14.53
CA SER A 183 17.79 -3.11 -13.76
C SER A 183 17.39 -2.66 -12.35
N PHE A 184 18.23 -1.86 -11.71
CA PHE A 184 17.90 -1.37 -10.38
C PHE A 184 16.66 -0.48 -10.46
N TYR A 185 16.80 0.65 -11.14
CA TYR A 185 15.73 1.67 -11.19
C TYR A 185 14.39 1.03 -11.52
N THR A 186 14.42 -0.09 -12.25
CA THR A 186 13.21 -0.78 -12.67
C THR A 186 12.69 -1.68 -11.47
N LEU A 187 13.39 -2.75 -11.15
CA LEU A 187 12.97 -3.62 -10.07
C LEU A 187 12.43 -2.86 -8.80
N PHE A 188 13.02 -1.69 -8.49
CA PHE A 188 12.50 -0.88 -7.42
C PHE A 188 11.04 -0.47 -7.73
N GLN A 189 10.80 0.00 -8.98
CA GLN A 189 9.46 0.35 -9.44
C GLN A 189 8.50 -0.83 -9.39
N VAL A 190 8.99 -1.97 -9.80
CA VAL A 190 8.22 -3.19 -9.61
C VAL A 190 8.01 -3.38 -8.09
N MET A 191 9.04 -3.11 -7.26
CA MET A 191 8.93 -3.26 -5.77
C MET A 191 7.93 -2.29 -5.16
N THR A 192 8.13 -1.00 -5.41
CA THR A 192 7.09 0.00 -5.11
C THR A 192 5.71 -0.33 -5.67
N LEU A 193 5.63 -1.42 -6.45
CA LEU A 193 4.39 -1.82 -7.08
C LEU A 193 3.86 -0.70 -7.97
N ASP A 194 4.74 -0.03 -8.71
CA ASP A 194 4.34 1.08 -9.53
C ASP A 194 4.11 0.61 -10.96
N ASP A 195 2.84 0.63 -11.36
CA ASP A 195 2.42 0.28 -12.68
C ASP A 195 2.94 -1.11 -13.21
N TRP A 196 3.61 -1.86 -12.33
CA TRP A 196 4.33 -3.04 -12.76
C TRP A 196 3.69 -3.91 -13.90
N SER A 197 2.46 -4.23 -13.81
CA SER A 197 1.95 -5.34 -14.66
C SER A 197 1.76 -4.85 -16.06
N ASN A 198 0.88 -3.88 -16.28
CA ASN A 198 0.79 -3.28 -17.66
C ASN A 198 2.09 -2.52 -18.01
N GLY A 199 2.44 -1.50 -17.25
CA GLY A 199 3.76 -0.89 -17.29
C GLY A 199 4.93 -1.77 -17.71
N ILE A 200 5.23 -2.77 -16.94
CA ILE A 200 6.42 -3.53 -17.15
C ILE A 200 6.37 -4.97 -17.51
N VAL A 201 5.70 -5.80 -16.76
CA VAL A 201 5.60 -7.21 -17.07
C VAL A 201 4.76 -7.55 -18.26
N ARG A 202 3.67 -6.84 -18.44
CA ARG A 202 2.77 -7.17 -19.54
C ARG A 202 3.47 -7.10 -20.91
N PRO A 203 4.36 -6.13 -21.08
CA PRO A 203 5.15 -5.94 -22.30
C PRO A 203 6.22 -7.01 -22.59
N LEU A 204 6.93 -7.47 -21.55
CA LEU A 204 8.01 -8.40 -21.70
C LEU A 204 7.49 -9.69 -22.10
N MET A 205 6.41 -10.04 -21.51
CA MET A 205 5.73 -11.27 -21.78
C MET A 205 5.37 -11.50 -23.25
N GLU A 206 5.16 -10.43 -24.02
CA GLU A 206 4.90 -10.58 -25.46
C GLU A 206 6.08 -11.36 -26.21
N VAL A 207 7.29 -10.95 -25.90
CA VAL A 207 8.46 -11.51 -26.48
C VAL A 207 8.93 -12.73 -25.69
N TYR A 208 9.26 -12.54 -24.40
CA TYR A 208 9.58 -13.65 -23.51
C TYR A 208 8.36 -14.02 -22.63
N PRO A 209 7.65 -15.10 -22.91
CA PRO A 209 6.38 -15.32 -22.17
C PRO A 209 6.47 -15.49 -20.69
N TYR A 210 7.42 -16.27 -20.15
CA TYR A 210 7.34 -16.64 -18.70
C TYR A 210 7.91 -15.65 -17.67
N ALA A 211 8.05 -14.41 -18.07
CA ALA A 211 8.49 -13.40 -17.17
C ALA A 211 7.69 -13.26 -15.84
N TRP A 212 6.47 -13.78 -15.76
CA TRP A 212 5.73 -13.78 -14.47
C TRP A 212 6.44 -14.64 -13.45
N VAL A 213 6.97 -15.77 -13.92
CA VAL A 213 7.77 -16.63 -13.05
C VAL A 213 8.95 -15.83 -12.58
N PHE A 214 9.64 -15.13 -13.47
CA PHE A 214 10.71 -14.30 -12.97
C PHE A 214 10.20 -13.28 -11.92
N PHE A 215 9.26 -12.43 -12.31
CA PHE A 215 8.87 -11.27 -11.52
C PHE A 215 7.95 -11.65 -10.34
N ILE A 216 6.86 -12.39 -10.61
CA ILE A 216 5.81 -12.55 -9.61
C ILE A 216 6.42 -13.03 -8.23
N PRO A 217 7.19 -14.16 -8.19
CA PRO A 217 7.86 -14.55 -6.96
C PRO A 217 8.63 -13.43 -6.30
N PHE A 218 9.57 -12.86 -7.04
CA PHE A 218 10.24 -11.66 -6.64
C PHE A 218 9.28 -10.73 -5.89
N ILE A 219 8.08 -10.55 -6.41
CA ILE A 219 7.13 -9.63 -5.73
C ILE A 219 6.48 -10.24 -4.50
N PHE A 220 6.72 -11.52 -4.25
CA PHE A 220 6.45 -12.09 -2.92
C PHE A 220 7.61 -11.78 -1.99
N VAL A 221 8.82 -12.06 -2.46
CA VAL A 221 9.97 -11.95 -1.60
C VAL A 221 10.12 -10.53 -1.10
N VAL A 222 10.00 -9.59 -2.01
CA VAL A 222 10.29 -8.23 -1.64
C VAL A 222 9.18 -7.64 -0.74
N THR A 223 7.97 -8.13 -0.83
CA THR A 223 6.94 -7.63 0.08
C THR A 223 6.78 -8.44 1.38
N PHE A 224 6.97 -9.77 1.34
CA PHE A 224 6.95 -10.57 2.59
C PHE A 224 7.96 -9.94 3.54
N VAL A 225 9.21 -9.93 3.11
CA VAL A 225 10.29 -9.31 3.88
C VAL A 225 9.93 -7.88 4.29
N MET A 226 9.39 -7.12 3.34
CA MET A 226 8.92 -5.79 3.68
C MET A 226 7.82 -5.71 4.74
N ILE A 227 7.17 -6.84 5.03
CA ILE A 227 6.10 -6.89 6.03
C ILE A 227 6.60 -7.37 7.37
N ASN A 228 7.46 -8.38 7.36
CA ASN A 228 8.03 -8.90 8.59
C ASN A 228 9.04 -7.93 9.17
N LEU A 229 9.93 -7.39 8.33
CA LEU A 229 10.83 -6.30 8.78
C LEU A 229 10.06 -5.15 9.46
N VAL A 230 8.82 -4.97 9.08
CA VAL A 230 7.94 -4.05 9.77
C VAL A 230 7.43 -4.62 11.11
N VAL A 231 7.13 -5.91 11.17
CA VAL A 231 6.76 -6.52 12.45
C VAL A 231 7.95 -6.47 13.46
N ALA A 232 9.16 -6.80 13.00
CA ALA A 232 10.37 -6.62 13.81
C ALA A 232 10.54 -5.22 14.40
N ILE A 233 9.85 -4.23 13.85
CA ILE A 233 9.82 -2.90 14.46
C ILE A 233 8.87 -2.85 15.65
N ILE A 234 7.81 -3.66 15.65
CA ILE A 234 6.72 -3.46 16.62
C ILE A 234 6.94 -4.01 18.04
N VAL A 235 7.79 -5.01 18.20
CA VAL A 235 8.07 -5.54 19.54
C VAL A 235 9.27 -4.80 20.17
N ASP A 236 10.18 -4.29 19.31
CA ASP A 236 11.33 -3.48 19.75
C ASP A 236 11.11 -1.99 19.41
N MET B 18 -41.34 29.02 32.05
CA MET B 18 -41.21 28.51 30.65
C MET B 18 -39.80 28.06 30.31
N TYR B 19 -38.81 28.54 31.07
CA TYR B 19 -37.44 28.07 30.92
C TYR B 19 -37.28 26.52 30.96
N LEU B 20 -37.93 25.87 31.90
CA LEU B 20 -37.82 24.40 32.04
C LEU B 20 -38.81 23.57 31.25
N ARG B 21 -39.87 24.20 30.75
CA ARG B 21 -40.79 23.53 29.82
C ARG B 21 -40.05 23.25 28.50
N ILE B 22 -39.37 24.27 27.97
CA ILE B 22 -38.58 24.10 26.74
C ILE B 22 -37.34 23.25 26.97
N THR B 23 -36.81 23.25 28.18
CA THR B 23 -35.68 22.36 28.52
C THR B 23 -36.06 20.86 28.40
N ASN B 24 -37.22 20.51 28.85
CA ASN B 24 -37.69 19.13 28.67
C ASN B 24 -37.97 18.85 27.20
N ILE B 25 -38.49 19.85 26.49
CA ILE B 25 -38.89 19.68 25.08
C ILE B 25 -37.71 19.20 24.22
N VAL B 26 -36.60 19.93 24.30
CA VAL B 26 -35.48 19.72 23.40
C VAL B 26 -34.80 18.39 23.75
N GLU B 27 -34.40 18.29 25.03
CA GLU B 27 -33.66 17.13 25.57
C GLU B 27 -34.45 15.82 25.63
N SER B 28 -35.61 15.75 25.00
CA SER B 28 -36.48 14.58 25.03
C SER B 28 -36.03 13.53 24.03
N SER B 29 -36.44 12.28 24.28
CA SER B 29 -36.13 11.19 23.35
C SER B 29 -36.74 11.48 21.98
N PHE B 30 -37.94 12.07 21.97
CA PHE B 30 -38.70 12.22 20.74
C PHE B 30 -38.17 13.33 19.83
N PHE B 31 -37.69 14.44 20.43
CA PHE B 31 -37.07 15.50 19.63
C PHE B 31 -35.79 15.01 18.94
N THR B 32 -35.04 14.16 19.64
CA THR B 32 -33.92 13.46 19.03
C THR B 32 -34.41 12.57 17.87
N LYS B 33 -35.32 11.64 18.17
CA LYS B 33 -35.81 10.71 17.14
C LYS B 33 -36.38 11.46 15.92
N PHE B 34 -37.01 12.60 16.20
CA PHE B 34 -37.55 13.50 15.17
C PHE B 34 -36.43 13.98 14.25
N ILE B 35 -35.52 14.78 14.81
CA ILE B 35 -34.43 15.36 14.03
C ILE B 35 -33.59 14.27 13.35
N ILE B 36 -33.35 13.15 14.05
CA ILE B 36 -32.62 12.04 13.45
C ILE B 36 -33.41 11.37 12.31
N TYR B 37 -34.72 11.24 12.47
CA TYR B 37 -35.51 10.71 11.38
C TYR B 37 -35.40 11.62 10.15
N LEU B 38 -35.37 12.93 10.38
CA LEU B 38 -35.38 13.91 9.29
C LEU B 38 -34.02 14.17 8.68
N ILE B 39 -32.94 14.03 9.44
CA ILE B 39 -31.59 13.99 8.86
C ILE B 39 -31.48 12.80 7.92
N VAL B 40 -32.06 11.68 8.33
CA VAL B 40 -32.09 10.49 7.48
C VAL B 40 -32.87 10.76 6.20
N LEU B 41 -33.96 11.52 6.30
CA LEU B 41 -34.86 11.73 5.15
C LEU B 41 -34.28 12.64 4.08
N ASN B 42 -33.85 13.84 4.48
CA ASN B 42 -33.14 14.72 3.55
C ASN B 42 -31.95 13.95 2.92
N GLY B 43 -31.30 13.11 3.72
CA GLY B 43 -30.24 12.26 3.24
C GLY B 43 -30.65 11.13 2.29
N ILE B 44 -31.92 11.02 1.94
CA ILE B 44 -32.33 10.13 0.84
C ILE B 44 -32.75 10.99 -0.33
N THR B 45 -33.25 12.20 -0.02
CA THR B 45 -33.72 13.10 -1.05
C THR B 45 -32.55 13.74 -1.78
N MET B 46 -31.49 14.07 -1.02
CA MET B 46 -30.25 14.56 -1.61
C MET B 46 -29.65 13.48 -2.51
N GLY B 47 -29.79 12.23 -2.09
CA GLY B 47 -29.55 11.11 -2.97
C GLY B 47 -30.27 11.32 -4.29
N LEU B 48 -31.58 11.40 -4.21
CA LEU B 48 -32.43 11.43 -5.42
C LEU B 48 -32.28 12.71 -6.25
N GLU B 49 -31.86 13.82 -5.62
CA GLU B 49 -31.57 15.04 -6.34
C GLU B 49 -30.58 14.79 -7.49
N THR B 50 -29.62 13.90 -7.26
CA THR B 50 -28.70 13.46 -8.29
C THR B 50 -29.44 13.19 -9.58
N SER B 51 -30.35 12.22 -9.53
CA SER B 51 -31.25 11.90 -10.64
C SER B 51 -31.71 13.20 -11.30
N LYS B 52 -31.39 13.36 -12.57
CA LYS B 52 -31.80 14.55 -13.30
C LYS B 52 -33.15 14.31 -14.02
N THR B 53 -33.68 13.09 -13.92
CA THR B 53 -35.04 12.79 -14.32
C THR B 53 -36.03 13.06 -13.17
N PHE B 54 -35.79 12.41 -12.02
CA PHE B 54 -36.52 12.72 -10.79
C PHE B 54 -36.71 14.23 -10.59
N MET B 55 -35.68 15.02 -10.89
CA MET B 55 -35.77 16.48 -10.78
C MET B 55 -36.79 17.10 -11.74
N GLN B 56 -37.15 16.39 -12.79
CA GLN B 56 -38.33 16.77 -13.57
C GLN B 56 -39.60 16.26 -12.91
N SER B 57 -39.67 14.94 -12.69
CA SER B 57 -40.89 14.33 -12.17
C SER B 57 -41.24 14.83 -10.77
N PHE B 58 -40.34 14.60 -9.83
CA PHE B 58 -40.57 14.98 -8.43
C PHE B 58 -39.77 16.22 -8.03
N GLY B 59 -39.38 17.04 -8.99
CA GLY B 59 -38.53 18.20 -8.74
C GLY B 59 -38.89 19.06 -7.55
N VAL B 60 -40.09 19.64 -7.58
CA VAL B 60 -40.44 20.74 -6.66
C VAL B 60 -40.61 20.28 -5.23
N TYR B 61 -41.21 19.10 -5.03
CA TYR B 61 -41.32 18.49 -3.68
C TYR B 61 -40.01 18.67 -2.95
N THR B 62 -38.94 18.42 -3.70
CA THR B 62 -37.61 18.33 -3.16
C THR B 62 -37.02 19.69 -2.82
N THR B 63 -37.18 20.67 -3.71
CA THR B 63 -36.45 21.93 -3.54
C THR B 63 -36.87 22.64 -2.28
N LEU B 64 -38.16 22.60 -1.94
CA LEU B 64 -38.65 23.23 -0.71
C LEU B 64 -38.72 22.28 0.49
N PHE B 65 -38.70 20.97 0.26
CA PHE B 65 -38.43 19.99 1.31
C PHE B 65 -37.15 20.37 2.06
N ASN B 66 -36.14 20.83 1.31
CA ASN B 66 -34.87 21.25 1.92
C ASN B 66 -35.03 22.51 2.79
N GLN B 67 -35.88 23.44 2.36
CA GLN B 67 -36.21 24.64 3.16
C GLN B 67 -37.06 24.26 4.36
N ILE B 68 -38.01 23.36 4.17
CA ILE B 68 -38.83 22.85 5.28
C ILE B 68 -37.95 22.24 6.38
N VAL B 69 -37.00 21.42 5.95
CA VAL B 69 -36.15 20.72 6.89
C VAL B 69 -35.13 21.68 7.52
N ILE B 70 -34.60 22.61 6.73
CA ILE B 70 -33.53 23.49 7.22
C ILE B 70 -34.03 24.43 8.34
N THR B 71 -35.24 24.95 8.21
CA THR B 71 -35.80 25.81 9.26
C THR B 71 -35.93 25.00 10.55
N ILE B 72 -36.51 23.80 10.44
CA ILE B 72 -36.65 22.90 11.58
C ILE B 72 -35.30 22.84 12.30
N PHE B 73 -34.26 22.55 11.52
CA PHE B 73 -32.92 22.49 12.06
C PHE B 73 -32.51 23.83 12.68
N THR B 74 -32.90 24.94 12.07
CA THR B 74 -32.57 26.25 12.60
C THR B 74 -33.18 26.45 13.99
N ILE B 75 -34.41 26.00 14.14
CA ILE B 75 -35.11 26.14 15.41
C ILE B 75 -34.62 25.09 16.39
N GLU B 76 -34.28 23.89 15.87
CA GLU B 76 -33.73 22.85 16.74
C GLU B 76 -32.44 23.43 17.30
N ILE B 77 -31.70 24.15 16.45
CA ILE B 77 -30.48 24.81 16.89
C ILE B 77 -30.80 25.92 17.86
N ILE B 78 -31.81 26.71 17.54
CA ILE B 78 -32.21 27.81 18.43
C ILE B 78 -32.73 27.28 19.78
N LEU B 79 -33.63 26.31 19.74
CA LEU B 79 -34.16 25.68 20.96
C LEU B 79 -33.04 25.16 21.86
N ARG B 80 -32.00 24.59 21.26
CA ARG B 80 -30.85 24.11 21.99
C ARG B 80 -30.08 25.23 22.71
N ILE B 81 -30.10 26.44 22.16
CA ILE B 81 -29.15 27.48 22.55
C ILE B 81 -29.58 28.29 23.76
N TYR B 82 -30.85 28.67 23.84
CA TYR B 82 -31.33 29.41 25.03
C TYR B 82 -31.48 28.50 26.27
N VAL B 83 -31.40 27.19 26.06
CA VAL B 83 -31.22 26.20 27.12
C VAL B 83 -29.77 26.23 27.66
N HIS B 84 -28.84 25.71 26.85
CA HIS B 84 -27.44 25.53 27.23
C HIS B 84 -26.71 26.88 27.43
N ARG B 85 -26.96 27.82 26.52
CA ARG B 85 -26.28 29.11 26.50
C ARG B 85 -24.79 28.88 26.35
N ILE B 86 -23.99 29.49 27.23
CA ILE B 86 -22.57 29.24 27.29
C ILE B 86 -22.22 27.78 26.96
N SER B 87 -22.98 26.84 27.53
CA SER B 87 -22.72 25.42 27.40
C SER B 87 -22.73 24.95 25.93
N PHE B 88 -23.60 25.53 25.11
CA PHE B 88 -23.84 25.06 23.74
C PHE B 88 -22.60 25.20 22.86
N PHE B 89 -22.08 26.41 22.81
CA PHE B 89 -20.88 26.71 22.01
C PHE B 89 -19.58 26.24 22.68
N LYS B 90 -19.67 25.75 23.92
CA LYS B 90 -18.57 25.03 24.57
C LYS B 90 -18.66 23.50 24.32
N ASP B 91 -19.21 23.13 23.15
CA ASP B 91 -19.26 21.75 22.69
C ASP B 91 -18.81 21.78 21.23
N PRO B 92 -17.84 20.91 20.86
CA PRO B 92 -17.40 20.93 19.45
C PRO B 92 -18.50 20.46 18.46
N TRP B 93 -19.27 19.44 18.84
CA TRP B 93 -20.24 18.78 17.95
C TRP B 93 -21.42 19.71 17.65
N SER B 94 -21.89 20.39 18.69
CA SER B 94 -22.92 21.44 18.54
C SER B 94 -22.44 22.56 17.63
N LEU B 95 -21.29 23.15 17.97
CA LEU B 95 -20.65 24.20 17.16
C LEU B 95 -20.60 23.81 15.66
N PHE B 96 -20.20 22.57 15.38
CA PHE B 96 -20.14 22.08 14.02
C PHE B 96 -21.54 21.99 13.41
N ASP B 97 -22.53 21.62 14.22
CA ASP B 97 -23.93 21.64 13.78
C ASP B 97 -24.40 23.07 13.54
N PHE B 98 -24.10 23.95 14.50
CA PHE B 98 -24.31 25.38 14.33
C PHE B 98 -23.61 25.86 13.05
N PHE B 99 -22.37 25.42 12.85
CA PHE B 99 -21.60 25.77 11.67
C PHE B 99 -22.22 25.22 10.42
N VAL B 100 -22.61 23.96 10.46
CA VAL B 100 -23.09 23.29 9.24
C VAL B 100 -24.42 23.84 8.74
N VAL B 101 -25.38 23.98 9.63
CA VAL B 101 -26.71 24.41 9.20
C VAL B 101 -26.68 25.91 8.86
N ALA B 102 -25.81 26.69 9.50
CA ALA B 102 -25.61 28.10 9.10
C ALA B 102 -25.03 28.21 7.70
N ILE B 103 -24.08 27.31 7.35
CA ILE B 103 -23.56 27.23 5.98
C ILE B 103 -24.71 27.11 4.96
N SER B 104 -25.75 26.36 5.33
CA SER B 104 -26.93 26.21 4.48
C SER B 104 -27.90 27.39 4.54
N LEU B 105 -27.83 28.22 5.59
CA LEU B 105 -28.66 29.43 5.68
C LEU B 105 -28.22 30.51 4.72
N VAL B 106 -26.96 30.43 4.26
CA VAL B 106 -26.43 31.34 3.25
C VAL B 106 -27.14 30.99 1.92
N PRO B 107 -27.54 32.01 1.15
CA PRO B 107 -28.49 31.79 0.06
C PRO B 107 -27.92 30.99 -1.10
N THR B 108 -28.84 30.44 -1.89
CA THR B 108 -28.49 29.66 -3.10
C THR B 108 -27.86 30.57 -4.09
N SER B 109 -28.36 31.78 -4.20
CA SER B 109 -27.73 32.82 -5.01
C SER B 109 -26.59 33.44 -4.18
N SER B 110 -25.70 34.14 -4.88
CA SER B 110 -24.57 34.84 -4.32
C SER B 110 -23.41 33.94 -3.98
N GLY B 111 -22.30 34.55 -3.57
CA GLY B 111 -21.11 33.82 -3.24
C GLY B 111 -20.72 33.00 -4.45
N PHE B 112 -20.54 31.72 -4.21
CA PHE B 112 -20.24 30.76 -5.27
C PHE B 112 -21.18 29.55 -5.14
N GLU B 113 -21.27 28.73 -6.18
CA GLU B 113 -21.92 27.43 -6.06
C GLU B 113 -21.26 26.66 -4.96
N ILE B 114 -19.93 26.82 -4.84
CA ILE B 114 -19.22 26.16 -3.76
C ILE B 114 -19.89 26.30 -2.37
N LEU B 115 -20.87 27.19 -2.24
CA LEU B 115 -21.79 27.21 -1.09
C LEU B 115 -23.02 26.32 -1.21
N ARG B 116 -23.46 26.07 -2.44
CA ARG B 116 -24.59 25.19 -2.70
C ARG B 116 -24.27 23.72 -2.39
N VAL B 117 -23.04 23.30 -2.72
CA VAL B 117 -22.60 21.93 -2.53
C VAL B 117 -21.97 21.72 -1.14
N LEU B 118 -21.38 22.77 -0.57
CA LEU B 118 -20.99 22.73 0.84
C LEU B 118 -22.17 22.31 1.71
N ARG B 119 -23.35 22.86 1.43
CA ARG B 119 -24.58 22.57 2.18
C ARG B 119 -24.70 21.11 2.61
N VAL B 120 -24.47 20.20 1.67
CA VAL B 120 -24.68 18.77 1.90
C VAL B 120 -23.86 18.18 3.07
N LEU B 121 -23.01 19.00 3.67
CA LEU B 121 -22.42 18.69 4.97
C LEU B 121 -23.38 18.55 6.19
N ARG B 122 -24.69 18.70 6.02
CA ARG B 122 -25.62 18.39 7.11
C ARG B 122 -25.66 16.88 7.42
N LEU B 123 -25.13 16.06 6.53
CA LEU B 123 -25.13 14.63 6.77
C LEU B 123 -24.08 14.24 7.84
N PHE B 124 -23.09 15.11 8.01
CA PHE B 124 -22.20 15.05 9.16
C PHE B 124 -22.97 15.35 10.44
N ARG B 125 -24.09 16.05 10.29
CA ARG B 125 -24.98 16.34 11.39
C ARG B 125 -25.47 14.96 11.83
N LEU B 126 -25.98 14.17 10.88
CA LEU B 126 -26.39 12.78 11.23
C LEU B 126 -25.33 12.12 12.10
N VAL B 127 -24.08 12.15 11.64
CA VAL B 127 -22.97 11.63 12.47
C VAL B 127 -23.02 12.19 13.90
N THR B 128 -23.05 13.51 14.06
CA THR B 128 -22.99 14.04 15.42
C THR B 128 -24.20 13.67 16.24
N ALA B 129 -25.35 13.56 15.58
CA ALA B 129 -26.58 13.17 16.21
C ALA B 129 -26.50 11.80 16.84
N VAL B 130 -25.85 10.83 16.21
CA VAL B 130 -25.76 9.51 16.84
C VAL B 130 -24.56 9.34 17.79
N PRO B 131 -24.84 9.17 19.07
CA PRO B 131 -23.76 8.98 19.99
C PRO B 131 -22.82 7.85 19.71
N GLN B 132 -23.21 6.79 19.04
CA GLN B 132 -22.24 5.72 18.72
C GLN B 132 -21.14 6.25 17.78
N MET B 133 -21.56 7.06 16.80
CA MET B 133 -20.67 7.73 15.86
C MET B 133 -19.81 8.67 16.64
N ARG B 134 -20.40 9.44 17.56
CA ARG B 134 -19.60 10.36 18.38
C ARG B 134 -18.51 9.61 19.14
N LYS B 135 -18.86 8.42 19.66
CA LYS B 135 -17.94 7.61 20.43
C LYS B 135 -16.76 7.22 19.64
N ILE B 136 -17.02 6.59 18.50
CA ILE B 136 -15.97 6.18 17.58
C ILE B 136 -15.27 7.28 16.86
N VAL B 137 -15.95 8.33 16.44
CA VAL B 137 -15.29 9.40 15.73
C VAL B 137 -14.26 10.03 16.62
N SER B 138 -14.55 10.22 17.91
CA SER B 138 -13.59 10.75 18.85
C SER B 138 -12.44 9.83 19.05
N ALA B 139 -12.61 8.52 18.92
CA ALA B 139 -11.47 7.64 19.00
C ALA B 139 -10.49 7.99 17.88
N LEU B 140 -11.00 8.25 16.68
CA LEU B 140 -10.20 8.68 15.55
C LEU B 140 -9.52 10.00 15.76
N ILE B 141 -10.19 10.97 16.33
CA ILE B 141 -9.56 12.28 16.61
C ILE B 141 -8.62 12.20 17.88
N SER B 142 -8.91 11.26 18.78
CA SER B 142 -8.00 10.87 19.84
C SER B 142 -6.56 10.77 19.34
N VAL B 143 -6.38 9.95 18.34
CA VAL B 143 -5.07 9.60 17.84
C VAL B 143 -4.19 10.66 17.27
N ILE B 144 -4.78 11.73 16.79
CA ILE B 144 -4.02 12.73 16.10
C ILE B 144 -2.91 13.53 16.73
N PRO B 145 -3.08 14.06 17.91
CA PRO B 145 -2.10 15.01 18.43
C PRO B 145 -0.67 14.58 18.65
N GLY B 146 -0.47 13.43 19.23
CA GLY B 146 0.89 12.88 19.37
C GLY B 146 1.67 12.87 18.05
N MET B 147 0.91 12.68 16.96
CA MET B 147 1.45 12.75 15.60
C MET B 147 1.77 14.16 15.11
N LEU B 148 1.21 15.19 15.74
CA LEU B 148 1.61 16.57 15.40
C LEU B 148 3.14 16.80 15.49
N SER B 149 3.78 16.10 16.42
CA SER B 149 5.24 16.02 16.45
C SER B 149 5.76 15.68 15.06
N VAL B 150 5.43 14.48 14.58
CA VAL B 150 5.84 14.00 13.27
C VAL B 150 5.17 14.77 12.14
N ILE B 151 3.83 14.84 12.21
CA ILE B 151 3.00 15.52 11.23
C ILE B 151 3.65 16.81 10.73
N ALA B 152 4.01 17.69 11.65
CA ALA B 152 4.46 19.02 11.22
C ALA B 152 5.95 19.10 10.84
N LEU B 153 6.71 18.01 11.01
CA LEU B 153 8.03 17.93 10.35
C LEU B 153 7.82 17.58 8.89
N MET B 154 7.12 16.47 8.65
CA MET B 154 6.62 16.13 7.34
C MET B 154 6.23 17.34 6.53
N THR B 155 5.48 18.23 7.14
CA THR B 155 5.02 19.44 6.50
C THR B 155 6.16 20.42 6.17
N LEU B 156 7.37 20.18 6.64
CA LEU B 156 8.50 20.98 6.24
C LEU B 156 9.38 20.26 5.25
N PHE B 157 9.64 18.98 5.48
CA PHE B 157 10.46 18.19 4.54
C PHE B 157 9.97 18.46 3.11
N PHE B 158 8.65 18.46 2.97
CA PHE B 158 8.01 18.94 1.76
C PHE B 158 8.50 20.30 1.35
N TYR B 159 8.28 21.30 2.22
CA TYR B 159 8.63 22.69 1.87
C TYR B 159 10.08 22.79 1.31
N ILE B 160 11.03 22.25 2.06
CA ILE B 160 12.45 22.23 1.65
C ILE B 160 12.56 21.55 0.28
N PHE B 161 12.05 20.33 0.20
CA PHE B 161 12.19 19.53 -1.01
C PHE B 161 11.27 19.94 -2.18
N ALA B 162 10.13 20.52 -1.86
CA ALA B 162 9.30 21.17 -2.87
C ALA B 162 10.05 22.32 -3.58
N ILE B 163 10.75 23.16 -2.82
CA ILE B 163 11.50 24.27 -3.43
C ILE B 163 12.57 23.72 -4.39
N MET B 164 13.40 22.81 -3.88
CA MET B 164 14.49 22.22 -4.71
C MET B 164 13.96 21.81 -6.08
N ALA B 165 12.82 21.12 -6.12
CA ALA B 165 12.21 20.72 -7.37
C ALA B 165 11.91 21.89 -8.26
N THR B 166 11.08 22.79 -7.81
CA THR B 166 10.66 23.92 -8.65
C THR B 166 11.83 24.52 -9.43
N GLN B 167 12.90 24.85 -8.74
CA GLN B 167 14.04 25.41 -9.43
C GLN B 167 14.74 24.36 -10.33
N LEU B 168 14.81 23.13 -9.86
CA LEU B 168 15.50 22.12 -10.63
C LEU B 168 14.78 21.76 -11.97
N PHE B 169 13.44 21.71 -11.96
CA PHE B 169 12.69 21.08 -13.07
C PHE B 169 11.81 22.09 -13.77
N GLY B 170 10.62 22.33 -13.21
CA GLY B 170 9.76 23.50 -13.47
C GLY B 170 10.01 24.51 -14.59
N GLU B 171 11.23 24.61 -15.06
CA GLU B 171 11.50 25.19 -16.33
C GLU B 171 10.87 24.23 -17.40
N ARG B 172 11.54 23.12 -17.62
CA ARG B 172 11.10 22.10 -18.55
C ARG B 172 9.85 21.37 -18.22
N PHE B 173 9.57 21.09 -16.96
CA PHE B 173 8.39 20.31 -16.60
C PHE B 173 7.46 20.98 -15.61
N PRO B 174 6.86 22.08 -16.01
CA PRO B 174 5.99 22.87 -15.17
C PRO B 174 4.73 22.26 -14.71
N GLU B 175 4.07 21.44 -15.46
CA GLU B 175 2.81 21.07 -14.91
C GLU B 175 3.05 20.60 -13.51
N TRP B 176 4.05 19.74 -13.39
CA TRP B 176 4.51 19.10 -12.20
C TRP B 176 5.20 19.83 -11.10
N PHE B 177 6.08 20.73 -11.45
CA PHE B 177 6.93 21.42 -10.53
C PHE B 177 7.16 22.86 -10.96
N GLY B 178 6.26 23.44 -11.73
CA GLY B 178 6.52 24.78 -12.20
C GLY B 178 6.49 25.81 -11.10
N THR B 179 6.12 25.38 -9.90
CA THR B 179 5.60 26.29 -8.91
C THR B 179 5.80 25.69 -7.51
N LEU B 180 5.79 26.58 -6.54
CA LEU B 180 5.83 26.13 -5.17
C LEU B 180 4.75 25.07 -5.00
N GLY B 181 3.54 25.44 -5.32
CA GLY B 181 2.38 24.57 -5.19
C GLY B 181 2.26 23.41 -6.17
N GLU B 182 2.86 23.55 -7.33
CA GLU B 182 2.87 22.45 -8.26
C GLU B 182 3.81 21.38 -7.86
N SER B 183 4.88 21.78 -7.24
CA SER B 183 5.83 20.84 -6.74
C SER B 183 5.22 20.06 -5.58
N PHE B 184 4.45 20.71 -4.74
CA PHE B 184 3.81 20.07 -3.63
C PHE B 184 2.87 19.01 -4.11
N TYR B 185 2.00 19.36 -5.06
CA TYR B 185 0.99 18.44 -5.54
C TYR B 185 1.66 17.20 -6.09
N THR B 186 2.78 17.39 -6.78
CA THR B 186 3.47 16.26 -7.29
C THR B 186 4.16 15.43 -6.21
N LEU B 187 4.92 16.10 -5.34
CA LEU B 187 5.67 15.36 -4.30
C LEU B 187 4.70 14.52 -3.43
N PHE B 188 3.47 15.06 -3.22
CA PHE B 188 2.44 14.28 -2.62
C PHE B 188 2.15 13.08 -3.48
N GLN B 189 2.02 13.37 -4.80
CA GLN B 189 1.68 12.37 -5.81
C GLN B 189 2.64 11.25 -5.68
N VAL B 190 3.93 11.60 -5.70
CA VAL B 190 4.97 10.60 -5.55
C VAL B 190 4.92 9.87 -4.20
N MET B 191 4.60 10.61 -3.12
CA MET B 191 4.59 10.07 -1.76
C MET B 191 3.64 8.84 -1.64
N THR B 192 2.52 8.94 -2.33
CA THR B 192 1.51 7.94 -2.38
C THR B 192 1.80 6.90 -3.45
N LEU B 193 2.87 7.17 -4.22
CA LEU B 193 3.36 6.29 -5.26
C LEU B 193 2.30 5.97 -6.30
N ASP B 194 1.54 7.03 -6.59
CA ASP B 194 0.44 7.04 -7.53
C ASP B 194 0.90 6.44 -8.81
N ASP B 195 1.43 7.21 -9.74
CA ASP B 195 1.91 6.52 -10.93
C ASP B 195 3.27 7.04 -11.22
N TRP B 196 4.03 7.25 -10.14
CA TRP B 196 5.26 8.06 -10.13
C TRP B 196 6.38 7.45 -11.05
N SER B 197 6.29 6.18 -11.42
CA SER B 197 7.45 5.62 -12.01
C SER B 197 7.43 5.99 -13.46
N ASN B 198 6.48 5.42 -14.19
CA ASN B 198 6.39 5.74 -15.58
C ASN B 198 5.87 7.15 -15.76
N GLY B 199 4.91 7.55 -14.96
CA GLY B 199 4.38 8.88 -15.09
C GLY B 199 5.34 10.04 -14.86
N ILE B 200 6.19 9.96 -13.82
CA ILE B 200 7.02 11.16 -13.39
C ILE B 200 8.58 11.18 -13.39
N VAL B 201 9.27 10.11 -13.11
CA VAL B 201 10.70 10.23 -13.19
C VAL B 201 11.29 9.80 -14.49
N ARG B 202 10.69 8.80 -15.14
CA ARG B 202 11.24 8.30 -16.39
C ARG B 202 11.22 9.38 -17.40
N PRO B 203 10.13 10.12 -17.50
CA PRO B 203 10.07 11.29 -18.41
C PRO B 203 11.03 12.39 -18.07
N LEU B 204 11.35 12.57 -16.78
CA LEU B 204 12.35 13.58 -16.40
C LEU B 204 13.74 13.15 -16.77
N MET B 205 14.10 11.96 -16.39
CA MET B 205 15.47 11.51 -16.64
C MET B 205 15.81 11.65 -18.12
N GLU B 206 14.87 11.21 -18.97
CA GLU B 206 14.95 11.43 -20.41
C GLU B 206 15.24 12.91 -20.82
N VAL B 207 15.21 13.82 -19.85
CA VAL B 207 15.74 15.19 -19.98
C VAL B 207 16.88 15.43 -18.99
N TYR B 208 16.62 15.16 -17.73
CA TYR B 208 17.54 15.38 -16.61
C TYR B 208 17.87 14.03 -16.02
N PRO B 209 18.90 13.36 -16.55
CA PRO B 209 19.12 11.93 -16.23
C PRO B 209 19.30 11.59 -14.78
N TYR B 210 19.62 12.57 -13.93
CA TYR B 210 20.07 12.30 -12.59
C TYR B 210 19.01 12.50 -11.51
N ALA B 211 17.83 12.95 -11.88
CA ALA B 211 16.81 13.26 -10.88
C ALA B 211 16.32 12.04 -10.09
N TRP B 212 16.89 10.87 -10.34
CA TRP B 212 16.64 9.67 -9.51
C TRP B 212 17.31 9.75 -8.11
N VAL B 213 18.24 10.69 -7.97
CA VAL B 213 18.93 10.98 -6.74
C VAL B 213 18.01 11.85 -5.85
N PHE B 214 16.97 12.41 -6.42
CA PHE B 214 15.96 13.14 -5.64
C PHE B 214 14.95 12.13 -5.07
N PHE B 215 14.26 11.40 -5.95
CA PHE B 215 12.99 10.79 -5.63
C PHE B 215 13.11 9.47 -4.88
N ILE B 216 13.99 8.62 -5.39
CA ILE B 216 14.32 7.41 -4.66
C ILE B 216 14.72 7.77 -3.19
N PRO B 217 15.59 8.75 -2.97
CA PRO B 217 15.69 9.30 -1.64
C PRO B 217 14.38 9.79 -1.02
N PHE B 218 13.65 10.66 -1.74
CA PHE B 218 12.37 11.23 -1.27
C PHE B 218 11.34 10.14 -0.89
N ILE B 219 11.25 9.12 -1.76
CA ILE B 219 10.42 7.94 -1.54
C ILE B 219 10.83 7.13 -0.27
N PHE B 220 12.10 7.25 0.12
CA PHE B 220 12.65 6.51 1.26
C PHE B 220 12.31 7.14 2.62
N VAL B 221 12.76 8.37 2.82
CA VAL B 221 12.31 9.20 3.92
C VAL B 221 10.82 9.05 4.17
N VAL B 222 10.04 9.19 3.12
CA VAL B 222 8.61 9.48 3.22
C VAL B 222 7.72 8.21 3.39
N THR B 223 8.20 7.05 2.99
CA THR B 223 7.51 5.85 3.42
C THR B 223 7.98 5.46 4.81
N PHE B 224 9.28 5.63 5.07
CA PHE B 224 9.83 5.37 6.40
C PHE B 224 8.94 6.03 7.46
N VAL B 225 8.79 7.35 7.38
CA VAL B 225 8.07 8.11 8.35
C VAL B 225 6.66 7.61 8.55
N MET B 226 5.94 7.39 7.46
CA MET B 226 4.55 6.90 7.61
C MET B 226 4.53 5.46 8.18
N ILE B 227 5.67 4.76 8.15
CA ILE B 227 5.75 3.43 8.76
C ILE B 227 5.93 3.57 10.24
N ASN B 228 6.97 4.28 10.63
CA ASN B 228 7.20 4.61 12.05
C ASN B 228 6.12 5.53 12.57
N LEU B 229 5.02 5.69 11.82
CA LEU B 229 3.82 6.40 12.23
C LEU B 229 2.78 5.47 12.83
N VAL B 230 2.56 4.33 12.18
CA VAL B 230 1.64 3.30 12.70
C VAL B 230 2.30 2.45 13.79
N VAL B 231 3.63 2.50 13.91
CA VAL B 231 4.30 1.87 15.05
C VAL B 231 3.93 2.66 16.32
N ALA B 232 4.34 3.94 16.31
CA ALA B 232 4.11 4.86 17.41
C ALA B 232 2.66 5.35 17.48
N ILE B 233 1.83 5.04 16.47
CA ILE B 233 0.38 5.12 16.68
C ILE B 233 -0.07 3.99 17.63
N ILE B 234 0.44 2.78 17.45
CA ILE B 234 0.10 1.67 18.34
C ILE B 234 1.09 1.59 19.52
N VAL B 235 1.13 2.67 20.28
CA VAL B 235 1.71 2.70 21.61
C VAL B 235 0.69 3.43 22.51
N ASP B 236 0.09 4.49 21.96
CA ASP B 236 -1.16 5.05 22.48
C ASP B 236 -2.32 4.06 22.30
N MET C 18 43.17 -40.33 7.61
CA MET C 18 42.97 -39.02 6.90
C MET C 18 41.62 -38.36 7.20
N TYR C 19 40.57 -39.14 7.49
CA TYR C 19 39.25 -38.59 7.83
C TYR C 19 39.27 -37.38 8.80
N LEU C 20 40.14 -37.40 9.79
CA LEU C 20 40.19 -36.36 10.82
C LEU C 20 41.07 -35.16 10.44
N ARG C 21 41.76 -35.25 9.30
CA ARG C 21 42.39 -34.07 8.67
C ARG C 21 41.35 -33.29 7.85
N ILE C 22 40.60 -34.02 7.04
CA ILE C 22 39.53 -33.42 6.24
C ILE C 22 38.41 -32.88 7.12
N THR C 23 38.20 -33.43 8.31
CA THR C 23 37.35 -32.77 9.31
C THR C 23 37.98 -31.42 9.74
N ASN C 24 39.27 -31.42 10.05
CA ASN C 24 39.92 -30.22 10.57
C ASN C 24 40.08 -29.13 9.50
N ILE C 25 40.38 -29.52 8.27
CA ILE C 25 40.48 -28.55 7.17
C ILE C 25 39.16 -27.78 7.04
N VAL C 26 38.06 -28.54 7.09
CA VAL C 26 36.74 -27.97 6.89
C VAL C 26 36.35 -27.03 8.03
N GLU C 27 36.46 -27.52 9.26
CA GLU C 27 35.92 -26.79 10.40
C GLU C 27 36.60 -25.44 10.67
N SER C 28 37.80 -25.23 10.14
CA SER C 28 38.61 -24.08 10.51
C SER C 28 37.91 -22.77 10.24
N SER C 29 38.06 -21.82 11.14
CA SER C 29 37.57 -20.46 10.88
C SER C 29 38.25 -19.86 9.64
N PHE C 30 39.36 -20.45 9.21
CA PHE C 30 39.97 -20.09 7.91
C PHE C 30 39.09 -20.50 6.73
N PHE C 31 38.55 -21.71 6.78
CA PHE C 31 37.80 -22.29 5.65
C PHE C 31 36.60 -21.42 5.29
N THR C 32 35.87 -20.97 6.30
CA THR C 32 34.70 -20.14 6.09
C THR C 32 35.08 -18.82 5.43
N LYS C 33 35.92 -18.04 6.12
CA LYS C 33 36.52 -16.82 5.53
C LYS C 33 36.96 -17.01 4.07
N PHE C 34 37.54 -18.18 3.80
CA PHE C 34 38.02 -18.52 2.47
C PHE C 34 36.85 -18.72 1.48
N ILE C 35 35.85 -19.50 1.90
CA ILE C 35 34.64 -19.67 1.10
C ILE C 35 33.95 -18.33 0.86
N ILE C 36 33.63 -17.65 1.95
CA ILE C 36 33.01 -16.33 1.89
C ILE C 36 33.85 -15.34 1.06
N TYR C 37 35.17 -15.51 1.05
CA TYR C 37 35.99 -14.71 0.12
C TYR C 37 35.65 -15.01 -1.33
N LEU C 38 35.57 -16.29 -1.69
CA LEU C 38 35.29 -16.67 -3.08
C LEU C 38 33.94 -16.14 -3.53
N ILE C 39 32.90 -16.36 -2.72
CA ILE C 39 31.56 -15.84 -3.02
C ILE C 39 31.59 -14.34 -3.22
N VAL C 40 32.10 -13.61 -2.24
CA VAL C 40 32.09 -12.15 -2.31
C VAL C 40 32.99 -11.61 -3.43
N LEU C 41 33.90 -12.42 -3.97
CA LEU C 41 34.59 -12.06 -5.20
C LEU C 41 33.70 -12.33 -6.41
N ASN C 42 33.32 -13.58 -6.59
CA ASN C 42 32.34 -13.99 -7.60
C ASN C 42 31.07 -13.11 -7.59
N GLY C 43 30.75 -12.57 -6.41
CA GLY C 43 29.79 -11.50 -6.27
C GLY C 43 30.25 -10.27 -7.01
N ILE C 44 31.39 -9.71 -6.64
CA ILE C 44 31.90 -8.53 -7.36
C ILE C 44 32.15 -8.91 -8.82
N THR C 45 32.67 -10.11 -9.06
CA THR C 45 33.13 -10.44 -10.40
C THR C 45 31.97 -10.41 -11.38
N MET C 46 30.77 -10.82 -10.92
CA MET C 46 29.60 -10.99 -11.80
C MET C 46 28.86 -9.69 -12.06
N GLY C 47 28.88 -8.78 -11.10
CA GLY C 47 28.51 -7.39 -11.37
C GLY C 47 29.20 -6.91 -12.62
N LEU C 48 30.50 -7.17 -12.68
CA LEU C 48 31.30 -6.79 -13.85
C LEU C 48 30.98 -7.67 -15.04
N GLU C 49 30.42 -8.88 -14.83
CA GLU C 49 30.01 -9.76 -15.92
C GLU C 49 28.74 -9.26 -16.64
N THR C 50 27.81 -8.76 -15.84
CA THR C 50 26.65 -8.05 -16.37
C THR C 50 26.99 -6.88 -17.32
N SER C 51 28.11 -6.21 -17.08
CA SER C 51 28.54 -5.18 -17.99
C SER C 51 28.85 -5.69 -19.38
N LYS C 52 28.77 -4.74 -20.31
CA LYS C 52 28.91 -4.99 -21.76
C LYS C 52 30.39 -4.85 -22.19
N THR C 53 31.07 -3.83 -21.66
CA THR C 53 32.44 -3.53 -22.06
C THR C 53 33.45 -4.41 -21.33
N PHE C 54 33.26 -4.59 -20.02
CA PHE C 54 34.18 -5.38 -19.19
C PHE C 54 34.44 -6.77 -19.80
N MET C 55 33.39 -7.42 -20.31
CA MET C 55 33.54 -8.74 -20.91
C MET C 55 34.35 -8.75 -22.23
N GLN C 56 34.51 -7.58 -22.86
CA GLN C 56 35.46 -7.45 -23.99
C GLN C 56 36.89 -7.64 -23.50
N SER C 57 37.33 -6.76 -22.60
CA SER C 57 38.67 -6.82 -22.02
C SER C 57 38.84 -8.06 -21.14
N PHE C 58 38.23 -8.06 -19.97
CA PHE C 58 38.50 -9.07 -18.94
C PHE C 58 37.67 -10.35 -19.14
N GLY C 59 36.97 -10.48 -20.27
CA GLY C 59 36.21 -11.68 -20.56
C GLY C 59 37.04 -12.95 -20.67
N VAL C 60 38.37 -12.79 -20.70
CA VAL C 60 39.29 -13.92 -20.67
C VAL C 60 39.45 -14.40 -19.22
N TYR C 61 40.04 -13.57 -18.35
CA TYR C 61 40.28 -13.94 -16.94
C TYR C 61 38.98 -14.34 -16.25
N THR C 62 37.92 -13.57 -16.47
CA THR C 62 36.70 -13.72 -15.69
C THR C 62 35.93 -15.00 -16.07
N THR C 63 36.00 -15.42 -17.32
CA THR C 63 35.46 -16.73 -17.66
C THR C 63 36.34 -17.85 -17.07
N LEU C 64 37.63 -17.57 -16.87
CA LEU C 64 38.51 -18.46 -16.13
C LEU C 64 38.10 -18.50 -14.64
N PHE C 65 38.08 -17.33 -14.02
CA PHE C 65 37.87 -17.23 -12.57
C PHE C 65 36.58 -17.91 -12.13
N ASN C 66 35.51 -17.74 -12.91
CA ASN C 66 34.24 -18.44 -12.62
C ASN C 66 34.45 -19.94 -12.52
N GLN C 67 35.10 -20.52 -13.52
CA GLN C 67 35.25 -21.98 -13.58
C GLN C 67 36.13 -22.54 -12.44
N ILE C 68 36.96 -21.70 -11.82
CA ILE C 68 37.71 -22.12 -10.62
C ILE C 68 36.79 -22.13 -9.40
N VAL C 69 36.09 -21.01 -9.19
CA VAL C 69 35.24 -20.80 -8.02
C VAL C 69 34.19 -21.92 -7.87
N ILE C 70 33.76 -22.49 -8.98
CA ILE C 70 32.95 -23.70 -8.92
C ILE C 70 33.80 -24.92 -8.59
N THR C 71 34.90 -25.12 -9.32
CA THR C 71 35.76 -26.29 -9.10
C THR C 71 36.09 -26.45 -7.61
N ILE C 72 36.41 -25.31 -6.97
CA ILE C 72 36.73 -25.27 -5.54
C ILE C 72 35.51 -25.66 -4.68
N PHE C 73 34.42 -24.90 -4.83
CA PHE C 73 33.16 -25.22 -4.13
C PHE C 73 32.73 -26.66 -4.42
N THR C 74 33.10 -27.17 -5.59
CA THR C 74 32.81 -28.57 -5.91
C THR C 74 33.59 -29.51 -5.01
N ILE C 75 34.87 -29.21 -4.81
CA ILE C 75 35.70 -29.95 -3.85
C ILE C 75 35.05 -29.85 -2.46
N GLU C 76 34.81 -28.60 -2.03
CA GLU C 76 34.20 -28.32 -0.72
C GLU C 76 32.98 -29.17 -0.42
N ILE C 77 32.13 -29.37 -1.41
CA ILE C 77 30.94 -30.20 -1.21
C ILE C 77 31.34 -31.66 -1.00
N ILE C 78 32.33 -32.14 -1.74
CA ILE C 78 32.78 -33.53 -1.63
C ILE C 78 33.36 -33.79 -0.22
N LEU C 79 34.13 -32.84 0.27
CA LEU C 79 34.74 -32.96 1.59
C LEU C 79 33.69 -32.84 2.68
N ARG C 80 32.93 -31.74 2.66
CA ARG C 80 31.89 -31.47 3.68
C ARG C 80 30.90 -32.63 3.75
N ILE C 81 30.65 -33.30 2.62
CA ILE C 81 29.85 -34.53 2.61
C ILE C 81 30.58 -35.64 3.35
N TYR C 82 31.89 -35.74 3.14
CA TYR C 82 32.71 -36.69 3.90
C TYR C 82 32.62 -36.46 5.42
N VAL C 83 32.65 -35.19 5.79
CA VAL C 83 32.59 -34.80 7.17
C VAL C 83 31.26 -35.10 7.83
N HIS C 84 30.15 -34.75 7.19
CA HIS C 84 28.84 -34.93 7.81
C HIS C 84 28.04 -36.05 7.26
N ARG C 85 28.42 -36.53 6.09
CA ARG C 85 27.70 -37.62 5.50
C ARG C 85 26.25 -37.28 5.50
N ILE C 86 25.47 -38.17 6.09
CA ILE C 86 24.07 -38.11 5.97
C ILE C 86 23.55 -36.80 6.56
N SER C 87 24.25 -36.25 7.55
CA SER C 87 23.83 -34.97 8.16
C SER C 87 23.85 -33.81 7.17
N PHE C 88 24.44 -34.02 6.00
CA PHE C 88 24.55 -33.00 4.95
C PHE C 88 23.23 -32.77 4.23
N PHE C 89 22.63 -33.88 3.82
CA PHE C 89 21.32 -33.91 3.18
C PHE C 89 20.23 -34.21 4.24
N LYS C 90 20.51 -33.79 5.47
CA LYS C 90 19.50 -33.58 6.52
C LYS C 90 19.55 -32.11 6.98
N ASP C 91 20.29 -31.26 6.26
CA ASP C 91 20.43 -29.85 6.61
C ASP C 91 19.98 -29.03 5.41
N PRO C 92 19.08 -28.05 5.62
CA PRO C 92 18.60 -27.27 4.47
C PRO C 92 19.77 -26.55 3.79
N TRP C 93 20.26 -25.52 4.48
CA TRP C 93 21.34 -24.61 4.05
C TRP C 93 22.37 -25.24 3.14
N SER C 94 22.76 -26.48 3.44
CA SER C 94 23.77 -27.21 2.70
C SER C 94 23.24 -27.70 1.36
N LEU C 95 22.03 -28.29 1.37
CA LEU C 95 21.39 -28.69 0.14
C LEU C 95 21.25 -27.50 -0.84
N PHE C 96 20.96 -26.31 -0.30
CA PHE C 96 20.91 -25.11 -1.14
C PHE C 96 22.26 -24.82 -1.81
N ASP C 97 23.33 -24.96 -1.03
CA ASP C 97 24.69 -24.92 -1.58
C ASP C 97 24.87 -26.03 -2.60
N PHE C 98 24.27 -27.20 -2.34
CA PHE C 98 24.39 -28.30 -3.25
C PHE C 98 23.73 -27.99 -4.57
N PHE C 99 22.42 -27.72 -4.54
CA PHE C 99 21.65 -27.55 -5.79
C PHE C 99 22.05 -26.27 -6.53
N VAL C 100 22.39 -25.22 -5.80
CA VAL C 100 22.93 -24.02 -6.45
C VAL C 100 24.22 -24.32 -7.22
N VAL C 101 25.02 -25.23 -6.68
CA VAL C 101 26.27 -25.61 -7.33
C VAL C 101 26.05 -26.80 -8.29
N ALA C 102 25.10 -27.68 -7.99
CA ALA C 102 24.68 -28.68 -8.97
C ALA C 102 24.33 -28.00 -10.30
N ILE C 103 23.78 -26.78 -10.23
CA ILE C 103 23.44 -26.02 -11.43
C ILE C 103 24.70 -25.61 -12.19
N SER C 104 25.53 -24.79 -11.56
CA SER C 104 26.66 -24.15 -12.27
C SER C 104 27.56 -25.11 -13.00
N LEU C 105 27.62 -26.36 -12.54
CA LEU C 105 28.44 -27.36 -13.19
C LEU C 105 28.10 -27.46 -14.66
N VAL C 106 26.82 -27.69 -14.93
CA VAL C 106 26.24 -27.95 -16.27
C VAL C 106 26.91 -27.11 -17.36
N PRO C 107 27.31 -27.75 -18.49
CA PRO C 107 28.15 -27.09 -19.47
C PRO C 107 27.48 -25.86 -20.04
N THR C 108 28.30 -24.97 -20.56
CA THR C 108 27.87 -23.63 -21.00
C THR C 108 26.78 -23.54 -22.12
N SER C 109 26.76 -24.50 -23.05
CA SER C 109 25.85 -24.45 -24.20
C SER C 109 24.72 -25.49 -24.16
N SER C 110 23.76 -25.28 -25.08
CA SER C 110 22.59 -26.14 -25.37
C SER C 110 21.40 -25.99 -24.38
N GLY C 111 20.30 -26.70 -24.64
CA GLY C 111 19.12 -26.71 -23.76
C GLY C 111 18.48 -25.34 -23.52
N PHE C 112 18.13 -25.03 -22.28
CA PHE C 112 17.56 -23.71 -21.98
C PHE C 112 18.64 -22.72 -21.62
N GLU C 113 18.34 -21.44 -21.86
CA GLU C 113 19.28 -20.36 -21.63
C GLU C 113 19.29 -19.91 -20.18
N ILE C 114 18.31 -20.32 -19.38
CA ILE C 114 18.25 -19.90 -17.96
C ILE C 114 19.28 -20.62 -17.06
N LEU C 115 19.59 -21.87 -17.38
CA LEU C 115 20.59 -22.61 -16.62
C LEU C 115 21.93 -21.92 -16.61
N ARG C 116 22.18 -21.09 -17.62
CA ARG C 116 23.41 -20.33 -17.70
C ARG C 116 23.27 -19.00 -16.94
N VAL C 117 22.08 -18.72 -16.40
CA VAL C 117 21.87 -17.51 -15.68
C VAL C 117 21.65 -17.92 -14.27
N LEU C 118 20.98 -19.01 -14.11
CA LEU C 118 20.88 -19.53 -12.74
C LEU C 118 22.25 -19.54 -12.02
N ARG C 119 23.36 -19.51 -12.75
CA ARG C 119 24.67 -19.29 -12.17
C ARG C 119 24.65 -18.33 -10.99
N VAL C 120 23.98 -17.18 -11.19
CA VAL C 120 24.03 -16.11 -10.21
C VAL C 120 23.33 -16.46 -8.89
N LEU C 121 22.44 -17.46 -8.92
CA LEU C 121 21.89 -18.03 -7.69
C LEU C 121 22.97 -18.36 -6.66
N ARG C 122 24.18 -18.66 -7.13
CA ARG C 122 25.33 -18.85 -6.25
C ARG C 122 25.41 -17.79 -5.20
N LEU C 123 25.32 -16.53 -5.60
CA LEU C 123 25.64 -15.44 -4.70
C LEU C 123 24.87 -15.50 -3.39
N PHE C 124 23.72 -16.16 -3.40
CA PHE C 124 22.99 -16.41 -2.14
C PHE C 124 23.71 -17.32 -1.12
N ARG C 125 24.85 -17.89 -1.47
CA ARG C 125 25.72 -18.53 -0.47
C ARG C 125 26.29 -17.54 0.57
N LEU C 126 26.13 -16.24 0.34
CA LEU C 126 26.35 -15.24 1.39
C LEU C 126 25.38 -15.44 2.58
N VAL C 127 24.23 -16.05 2.33
CA VAL C 127 23.22 -16.23 3.37
C VAL C 127 23.45 -17.50 4.18
N THR C 128 23.53 -18.64 3.50
CA THR C 128 23.81 -19.91 4.13
C THR C 128 25.13 -19.89 4.94
N ALA C 129 26.21 -19.47 4.28
CA ALA C 129 27.53 -19.44 4.92
C ALA C 129 27.57 -18.60 6.20
N VAL C 130 26.95 -17.44 6.11
CA VAL C 130 27.05 -16.51 7.17
C VAL C 130 25.98 -16.64 8.18
N PRO C 131 26.36 -17.02 9.37
CA PRO C 131 25.40 -16.98 10.46
C PRO C 131 25.05 -15.50 10.63
N GLN C 132 23.81 -15.28 11.07
CA GLN C 132 23.09 -14.01 11.26
C GLN C 132 22.44 -13.60 9.95
N MET C 133 22.64 -14.40 8.92
CA MET C 133 21.94 -14.24 7.67
C MET C 133 21.10 -15.48 7.80
N ARG C 134 21.71 -16.60 8.14
CA ARG C 134 20.93 -17.79 8.43
C ARG C 134 19.76 -17.44 9.35
N LYS C 135 20.09 -16.76 10.47
CA LYS C 135 19.13 -16.58 11.55
C LYS C 135 17.95 -15.72 11.08
N ILE C 136 18.24 -14.51 10.60
CA ILE C 136 17.17 -13.65 10.11
C ILE C 136 16.46 -14.21 8.86
N VAL C 137 17.14 -15.01 8.06
CA VAL C 137 16.44 -15.70 6.97
C VAL C 137 15.50 -16.75 7.51
N SER C 138 16.01 -17.65 8.34
CA SER C 138 15.13 -18.62 8.98
C SER C 138 14.20 -17.98 10.00
N ALA C 139 14.42 -16.71 10.33
CA ALA C 139 13.44 -15.93 11.10
C ALA C 139 12.27 -15.55 10.21
N LEU C 140 12.56 -15.14 8.96
CA LEU C 140 11.50 -14.88 7.96
C LEU C 140 10.73 -16.18 7.66
N ILE C 141 11.44 -17.19 7.15
CA ILE C 141 10.81 -18.42 6.67
C ILE C 141 9.93 -19.05 7.76
N SER C 142 10.33 -18.87 9.02
CA SER C 142 9.65 -19.46 10.18
C SER C 142 8.20 -19.07 10.36
N VAL C 143 7.77 -17.97 9.75
CA VAL C 143 6.36 -17.53 9.77
C VAL C 143 5.52 -18.21 8.65
N ILE C 144 6.18 -18.71 7.60
CA ILE C 144 5.49 -19.44 6.55
C ILE C 144 4.66 -20.61 7.07
N PRO C 145 5.19 -21.42 8.02
CA PRO C 145 4.34 -22.46 8.60
C PRO C 145 3.09 -21.89 9.30
N GLY C 146 3.25 -20.72 9.92
CA GLY C 146 2.13 -19.99 10.48
C GLY C 146 1.17 -19.46 9.43
N MET C 147 1.65 -19.29 8.21
CA MET C 147 0.87 -18.70 7.08
C MET C 147 0.25 -19.72 6.12
N LEU C 148 0.65 -20.99 6.18
CA LEU C 148 -0.01 -22.04 5.37
C LEU C 148 -1.49 -21.99 5.57
N SER C 149 -1.88 -21.96 6.84
CA SER C 149 -3.29 -21.75 7.29
C SER C 149 -4.10 -20.65 6.56
N VAL C 150 -3.42 -19.89 5.71
CA VAL C 150 -4.02 -18.76 4.97
C VAL C 150 -3.67 -18.84 3.49
N ILE C 151 -2.40 -19.06 3.13
CA ILE C 151 -2.00 -19.17 1.71
C ILE C 151 -2.88 -20.27 1.06
N ALA C 152 -2.99 -21.42 1.69
CA ALA C 152 -3.98 -22.40 1.30
C ALA C 152 -5.26 -21.70 0.85
N LEU C 153 -5.90 -20.98 1.78
CA LEU C 153 -7.22 -20.38 1.59
C LEU C 153 -7.27 -19.46 0.35
N MET C 154 -6.29 -18.57 0.23
CA MET C 154 -6.26 -17.63 -0.90
C MET C 154 -6.13 -18.36 -2.23
N THR C 155 -5.07 -19.13 -2.41
CA THR C 155 -4.95 -19.95 -3.61
C THR C 155 -6.19 -20.79 -3.89
N LEU C 156 -7.03 -21.03 -2.89
CA LEU C 156 -8.35 -21.53 -3.17
C LEU C 156 -9.27 -20.41 -3.65
N PHE C 157 -9.26 -19.28 -2.95
CA PHE C 157 -10.02 -18.11 -3.38
C PHE C 157 -9.61 -17.62 -4.83
N PHE C 158 -8.30 -17.42 -5.01
CA PHE C 158 -7.79 -16.99 -6.31
C PHE C 158 -8.20 -17.92 -7.47
N TYR C 159 -7.85 -19.20 -7.31
CA TYR C 159 -8.26 -20.22 -8.28
C TYR C 159 -9.75 -20.15 -8.59
N ILE C 160 -10.57 -19.82 -7.59
CA ILE C 160 -12.00 -19.90 -7.76
C ILE C 160 -12.56 -18.70 -8.56
N PHE C 161 -12.16 -17.51 -8.16
CA PHE C 161 -12.50 -16.34 -8.98
C PHE C 161 -11.93 -16.45 -10.40
N ALA C 162 -10.75 -17.00 -10.53
CA ALA C 162 -10.11 -17.09 -11.82
C ALA C 162 -10.94 -17.88 -12.79
N ILE C 163 -11.62 -18.89 -12.32
CA ILE C 163 -12.47 -19.63 -13.20
C ILE C 163 -13.60 -18.78 -13.61
N MET C 164 -14.24 -18.11 -12.67
CA MET C 164 -15.40 -17.33 -13.02
C MET C 164 -15.03 -16.22 -13.93
N ALA C 165 -13.99 -15.55 -13.60
CA ALA C 165 -13.57 -14.46 -14.43
C ALA C 165 -13.40 -14.97 -15.81
N THR C 166 -12.67 -16.07 -15.96
CA THR C 166 -12.31 -16.58 -17.29
C THR C 166 -13.47 -16.88 -18.22
N GLN C 167 -14.51 -17.55 -17.72
CA GLN C 167 -15.69 -17.76 -18.58
C GLN C 167 -16.37 -16.45 -18.85
N LEU C 168 -16.68 -15.76 -17.77
CA LEU C 168 -17.44 -14.53 -17.89
C LEU C 168 -16.84 -13.54 -18.89
N PHE C 169 -15.53 -13.34 -18.87
CA PHE C 169 -14.97 -12.31 -19.70
C PHE C 169 -14.02 -12.73 -20.86
N GLY C 170 -13.58 -13.95 -20.90
CA GLY C 170 -12.47 -14.30 -21.76
C GLY C 170 -12.77 -14.29 -23.24
N GLU C 171 -14.05 -14.05 -23.54
CA GLU C 171 -14.54 -14.06 -24.89
C GLU C 171 -14.24 -12.71 -25.54
N ARG C 172 -14.62 -11.65 -24.84
CA ARG C 172 -14.37 -10.27 -25.26
C ARG C 172 -13.04 -9.78 -24.75
N PHE C 173 -12.40 -10.47 -23.86
CA PHE C 173 -11.19 -9.89 -23.33
C PHE C 173 -10.07 -10.92 -23.19
N PRO C 174 -9.79 -11.66 -24.28
CA PRO C 174 -8.94 -12.85 -24.13
C PRO C 174 -7.47 -12.61 -23.70
N GLU C 175 -6.89 -11.47 -24.09
CA GLU C 175 -5.54 -11.18 -23.61
C GLU C 175 -5.48 -11.00 -22.10
N TRP C 176 -6.63 -10.85 -21.46
CA TRP C 176 -6.73 -10.52 -20.03
C TRP C 176 -7.41 -11.60 -19.16
N PHE C 177 -8.26 -12.42 -19.77
CA PHE C 177 -9.10 -13.41 -19.09
C PHE C 177 -9.39 -14.57 -20.01
N GLY C 178 -8.52 -14.78 -21.00
CA GLY C 178 -8.83 -15.76 -22.03
C GLY C 178 -8.86 -17.18 -21.54
N THR C 179 -7.89 -17.51 -20.68
CA THR C 179 -7.74 -18.84 -20.09
C THR C 179 -7.77 -18.70 -18.56
N LEU C 180 -7.29 -19.71 -17.84
CA LEU C 180 -7.02 -19.57 -16.40
C LEU C 180 -5.83 -18.65 -16.22
N GLY C 181 -4.75 -18.98 -16.92
CA GLY C 181 -3.46 -18.26 -16.72
C GLY C 181 -3.64 -16.76 -16.72
N GLU C 182 -4.28 -16.28 -17.79
CA GLU C 182 -4.63 -14.88 -17.85
C GLU C 182 -5.35 -14.48 -16.58
N SER C 183 -6.49 -15.12 -16.33
CA SER C 183 -7.32 -14.71 -15.19
C SER C 183 -6.49 -14.63 -13.87
N PHE C 184 -5.52 -15.53 -13.69
CA PHE C 184 -4.73 -15.58 -12.45
C PHE C 184 -3.86 -14.33 -12.28
N TYR C 185 -3.06 -14.05 -13.30
CA TYR C 185 -2.20 -12.89 -13.29
C TYR C 185 -3.02 -11.60 -13.20
N THR C 186 -4.15 -11.56 -13.90
CA THR C 186 -4.96 -10.37 -13.91
C THR C 186 -5.55 -10.14 -12.58
N LEU C 187 -6.09 -11.19 -11.98
CA LEU C 187 -6.44 -11.23 -10.57
C LEU C 187 -5.21 -11.01 -9.64
N PHE C 188 -4.07 -11.57 -9.98
CA PHE C 188 -2.93 -11.23 -9.20
C PHE C 188 -2.65 -9.71 -9.23
N GLN C 189 -2.77 -9.11 -10.41
CA GLN C 189 -2.68 -7.64 -10.55
C GLN C 189 -3.63 -6.94 -9.61
N VAL C 190 -4.91 -7.10 -9.86
CA VAL C 190 -5.96 -6.37 -9.10
C VAL C 190 -5.63 -6.42 -7.61
N MET C 191 -5.08 -7.55 -7.15
CA MET C 191 -4.72 -7.65 -5.75
C MET C 191 -3.62 -6.67 -5.34
N THR C 192 -2.73 -6.32 -6.26
CA THR C 192 -1.74 -5.31 -5.94
C THR C 192 -2.27 -3.87 -6.26
N LEU C 193 -3.57 -3.75 -6.53
CA LEU C 193 -4.19 -2.50 -6.85
C LEU C 193 -3.35 -1.79 -7.86
N ASP C 194 -2.72 -2.56 -8.75
CA ASP C 194 -1.84 -1.96 -9.81
C ASP C 194 -2.63 -1.78 -11.00
N ASP C 195 -3.08 -0.49 -11.19
CA ASP C 195 -3.74 -0.05 -12.45
C ASP C 195 -4.99 -0.89 -12.71
N TRP C 196 -5.62 -1.32 -11.65
CA TRP C 196 -6.73 -2.19 -11.81
C TRP C 196 -7.82 -1.31 -12.48
N SER C 197 -8.09 -0.08 -12.05
CA SER C 197 -9.40 0.48 -12.40
C SER C 197 -9.51 0.87 -13.78
N ASN C 198 -8.75 1.88 -14.12
CA ASN C 198 -8.81 2.41 -15.43
C ASN C 198 -8.24 1.16 -16.24
N GLY C 199 -7.07 0.68 -15.87
CA GLY C 199 -6.42 -0.28 -16.72
C GLY C 199 -7.24 -1.53 -17.10
N ILE C 200 -7.98 -2.07 -16.16
CA ILE C 200 -8.54 -3.37 -16.31
C ILE C 200 -10.06 -3.35 -16.16
N VAL C 201 -10.62 -2.41 -15.43
CA VAL C 201 -12.01 -2.62 -15.15
C VAL C 201 -12.87 -1.68 -15.87
N ARG C 202 -12.49 -0.43 -15.95
CA ARG C 202 -13.36 0.46 -16.64
C ARG C 202 -13.49 -0.07 -18.01
N PRO C 203 -12.42 -0.46 -18.69
CA PRO C 203 -12.67 -1.10 -19.97
C PRO C 203 -13.65 -2.21 -19.96
N LEU C 204 -13.76 -2.94 -18.85
CA LEU C 204 -14.76 -4.02 -18.76
C LEU C 204 -16.12 -3.44 -18.56
N MET C 205 -16.23 -2.27 -17.95
CA MET C 205 -17.56 -1.71 -17.77
C MET C 205 -18.10 -1.14 -19.12
N GLU C 206 -17.21 -1.04 -20.11
CA GLU C 206 -17.59 -0.64 -21.46
C GLU C 206 -18.44 -1.72 -22.06
N VAL C 207 -18.20 -2.96 -21.73
CA VAL C 207 -19.00 -4.03 -22.28
C VAL C 207 -19.85 -4.82 -21.26
N TYR C 208 -19.32 -5.11 -20.08
CA TYR C 208 -20.04 -5.82 -19.10
C TYR C 208 -20.13 -4.96 -17.88
N PRO C 209 -21.20 -4.17 -17.81
CA PRO C 209 -21.34 -3.14 -16.78
C PRO C 209 -21.33 -3.57 -15.35
N TYR C 210 -21.59 -4.85 -15.06
CA TYR C 210 -21.70 -5.26 -13.66
C TYR C 210 -20.39 -5.72 -13.05
N ALA C 211 -19.29 -5.63 -13.78
CA ALA C 211 -18.02 -6.13 -13.31
C ALA C 211 -17.57 -5.50 -12.04
N TRP C 212 -18.02 -4.29 -11.71
CA TRP C 212 -17.72 -3.76 -10.37
C TRP C 212 -18.30 -4.62 -9.29
N VAL C 213 -19.18 -5.59 -9.57
CA VAL C 213 -19.61 -6.43 -8.46
C VAL C 213 -18.77 -7.68 -8.26
N PHE C 214 -18.04 -8.07 -9.27
CA PHE C 214 -16.99 -9.06 -9.11
C PHE C 214 -15.72 -8.34 -8.62
N PHE C 215 -15.29 -7.32 -9.36
CA PHE C 215 -13.98 -6.82 -9.13
C PHE C 215 -13.81 -6.08 -7.84
N ILE C 216 -14.78 -5.21 -7.40
CA ILE C 216 -14.69 -4.54 -6.06
C ILE C 216 -14.55 -5.55 -4.90
N PRO C 217 -15.53 -6.42 -4.76
CA PRO C 217 -15.72 -7.32 -3.60
C PRO C 217 -14.56 -8.27 -3.54
N PHE C 218 -14.11 -8.74 -4.69
CA PHE C 218 -12.93 -9.55 -4.74
C PHE C 218 -11.80 -8.74 -4.15
N ILE C 219 -11.75 -7.47 -4.56
CA ILE C 219 -10.71 -6.56 -4.11
C ILE C 219 -10.80 -6.39 -2.60
N PHE C 220 -12.02 -6.28 -2.07
CA PHE C 220 -12.17 -6.16 -0.60
C PHE C 220 -11.55 -7.29 0.12
N VAL C 221 -12.09 -8.49 -0.16
CA VAL C 221 -11.77 -9.69 0.58
C VAL C 221 -10.29 -9.90 0.63
N VAL C 222 -9.63 -9.76 -0.51
CA VAL C 222 -8.25 -10.06 -0.60
C VAL C 222 -7.46 -9.19 0.32
N THR C 223 -7.69 -7.90 0.31
CA THR C 223 -6.97 -7.07 1.26
C THR C 223 -7.35 -7.42 2.72
N PHE C 224 -8.64 -7.63 2.96
CA PHE C 224 -9.10 -8.01 4.31
C PHE C 224 -8.14 -9.01 4.97
N VAL C 225 -8.12 -10.19 4.39
CA VAL C 225 -7.16 -11.25 4.69
C VAL C 225 -5.79 -10.70 4.96
N MET C 226 -5.25 -10.02 3.98
CA MET C 226 -3.87 -9.52 4.06
C MET C 226 -3.61 -8.71 5.35
N ILE C 227 -4.62 -8.00 5.84
CA ILE C 227 -4.47 -7.23 7.06
C ILE C 227 -4.44 -8.16 8.27
N ASN C 228 -5.40 -9.08 8.32
CA ASN C 228 -5.52 -10.01 9.43
C ASN C 228 -4.45 -11.06 9.39
N LEU C 229 -3.91 -11.31 8.21
CA LEU C 229 -2.66 -12.03 8.04
C LEU C 229 -1.63 -11.43 8.99
N VAL C 230 -1.38 -10.15 8.84
CA VAL C 230 -0.34 -9.44 9.62
C VAL C 230 -0.70 -9.29 11.11
N VAL C 231 -1.99 -9.22 11.43
CA VAL C 231 -2.44 -9.09 12.82
C VAL C 231 -2.28 -10.38 13.66
N ALA C 232 -2.00 -11.52 13.02
CA ALA C 232 -1.56 -12.73 13.74
C ALA C 232 -0.07 -13.06 13.52
N ILE C 233 0.51 -12.66 12.38
CA ILE C 233 1.98 -12.60 12.27
C ILE C 233 2.55 -11.70 13.38
N ILE C 234 1.73 -10.77 13.88
CA ILE C 234 2.20 -9.81 14.88
C ILE C 234 2.06 -10.33 16.32
N VAL C 235 1.21 -11.32 16.54
CA VAL C 235 1.24 -12.08 17.79
C VAL C 235 2.35 -13.16 17.70
N ASP C 236 2.27 -14.00 16.65
CA ASP C 236 3.30 -15.01 16.31
C ASP C 236 4.73 -14.44 16.35
N MET D 18 -34.97 -46.33 11.51
CA MET D 18 -34.00 -45.99 10.42
C MET D 18 -33.08 -44.81 10.73
N TYR D 19 -33.56 -43.83 11.48
CA TYR D 19 -32.78 -42.68 11.95
C TYR D 19 -31.32 -42.99 12.32
N LEU D 20 -31.09 -43.69 13.43
CA LEU D 20 -29.72 -44.00 13.86
C LEU D 20 -28.93 -44.84 12.85
N ARG D 21 -29.60 -45.42 11.85
CA ARG D 21 -28.92 -46.10 10.73
C ARG D 21 -28.31 -45.11 9.73
N ILE D 22 -29.09 -44.10 9.34
CA ILE D 22 -28.58 -42.99 8.50
C ILE D 22 -27.69 -42.06 9.32
N THR D 23 -28.04 -41.81 10.58
CA THR D 23 -27.17 -41.12 11.54
C THR D 23 -25.80 -41.80 11.67
N ASN D 24 -25.64 -42.99 11.10
CA ASN D 24 -24.34 -43.62 11.03
C ASN D 24 -23.66 -43.46 9.69
N ILE D 25 -24.46 -43.37 8.63
CA ILE D 25 -23.93 -43.12 7.28
C ILE D 25 -23.33 -41.69 7.23
N VAL D 26 -23.99 -40.75 7.93
CA VAL D 26 -23.58 -39.35 7.98
C VAL D 26 -22.24 -39.19 8.67
N GLU D 27 -22.22 -39.41 9.97
CA GLU D 27 -21.08 -39.06 10.86
C GLU D 27 -19.78 -39.85 10.58
N SER D 28 -19.84 -40.86 9.71
CA SER D 28 -18.72 -41.77 9.53
C SER D 28 -17.49 -41.07 9.04
N SER D 29 -16.32 -41.59 9.41
CA SER D 29 -15.07 -41.03 8.90
C SER D 29 -14.98 -41.17 7.38
N PHE D 30 -15.67 -42.16 6.81
CA PHE D 30 -15.75 -42.34 5.36
C PHE D 30 -16.54 -41.20 4.69
N PHE D 31 -17.73 -40.93 5.20
CA PHE D 31 -18.68 -40.01 4.55
C PHE D 31 -18.11 -38.60 4.41
N THR D 32 -17.29 -38.19 5.36
CA THR D 32 -16.65 -36.89 5.25
C THR D 32 -15.43 -36.97 4.34
N LYS D 33 -14.57 -37.96 4.55
CA LYS D 33 -13.46 -38.22 3.62
C LYS D 33 -13.94 -38.49 2.20
N PHE D 34 -15.19 -38.95 2.04
CA PHE D 34 -15.78 -39.20 0.73
C PHE D 34 -16.34 -37.90 0.12
N ILE D 35 -17.04 -37.11 0.92
CA ILE D 35 -17.61 -35.87 0.44
C ILE D 35 -16.53 -34.86 0.13
N ILE D 36 -15.54 -34.74 1.00
CA ILE D 36 -14.45 -33.80 0.79
C ILE D 36 -13.62 -34.16 -0.44
N TYR D 37 -13.19 -35.41 -0.51
CA TYR D 37 -12.35 -35.86 -1.61
C TYR D 37 -13.04 -35.69 -2.97
N LEU D 38 -14.37 -35.60 -2.98
CA LEU D 38 -15.11 -35.22 -4.20
C LEU D 38 -14.90 -33.75 -4.55
N ILE D 39 -14.92 -32.87 -3.54
CA ILE D 39 -14.66 -31.42 -3.74
C ILE D 39 -13.38 -31.18 -4.54
N VAL D 40 -12.27 -31.69 -4.04
CA VAL D 40 -11.01 -31.69 -4.77
C VAL D 40 -11.18 -32.33 -6.15
N LEU D 41 -11.76 -33.51 -6.19
CA LEU D 41 -11.93 -34.19 -7.47
C LEU D 41 -12.81 -33.43 -8.43
N ASN D 42 -13.62 -32.52 -7.94
CA ASN D 42 -14.36 -31.69 -8.84
C ASN D 42 -13.66 -30.36 -9.17
N GLY D 43 -12.74 -29.91 -8.31
CA GLY D 43 -11.93 -28.73 -8.57
C GLY D 43 -11.11 -28.86 -9.83
N ILE D 44 -10.17 -29.81 -9.79
CA ILE D 44 -9.49 -30.32 -10.98
C ILE D 44 -10.47 -30.36 -12.17
N THR D 45 -11.52 -31.15 -12.05
CA THR D 45 -12.56 -31.22 -13.07
C THR D 45 -12.95 -29.86 -13.61
N MET D 46 -13.07 -28.89 -12.72
CA MET D 46 -13.46 -27.54 -13.09
C MET D 46 -12.29 -26.71 -13.68
N GLY D 47 -11.07 -27.06 -13.26
CA GLY D 47 -9.87 -26.49 -13.84
C GLY D 47 -9.64 -26.85 -15.28
N LEU D 48 -10.47 -27.76 -15.79
CA LEU D 48 -10.40 -28.24 -17.18
C LEU D 48 -11.58 -27.88 -18.02
N GLU D 49 -12.65 -27.35 -17.41
CA GLU D 49 -13.79 -26.82 -18.15
C GLU D 49 -13.51 -25.42 -18.77
N THR D 50 -12.23 -25.06 -18.91
CA THR D 50 -11.75 -23.71 -19.21
C THR D 50 -10.98 -23.67 -20.53
N SER D 51 -10.27 -24.72 -20.85
CA SER D 51 -9.84 -24.86 -22.22
C SER D 51 -11.03 -25.27 -23.04
N LYS D 52 -11.00 -24.83 -24.30
CA LYS D 52 -12.01 -25.18 -25.28
C LYS D 52 -11.64 -26.56 -25.83
N THR D 53 -10.35 -26.76 -26.16
CA THR D 53 -9.76 -28.07 -26.39
C THR D 53 -10.50 -29.20 -25.66
N PHE D 54 -10.66 -29.01 -24.35
CA PHE D 54 -11.19 -30.05 -23.46
C PHE D 54 -12.68 -30.30 -23.68
N MET D 55 -13.48 -29.25 -23.61
CA MET D 55 -14.91 -29.36 -23.87
C MET D 55 -15.20 -29.84 -25.28
N GLN D 56 -14.21 -29.75 -26.19
CA GLN D 56 -14.29 -30.43 -27.49
C GLN D 56 -14.10 -31.93 -27.29
N SER D 57 -12.86 -32.35 -26.96
CA SER D 57 -12.51 -33.77 -26.81
C SER D 57 -13.24 -34.38 -25.62
N PHE D 58 -12.77 -34.13 -24.41
CA PHE D 58 -13.33 -34.77 -23.22
C PHE D 58 -14.45 -33.89 -22.63
N GLY D 59 -15.33 -33.39 -23.50
CA GLY D 59 -16.37 -32.46 -23.11
C GLY D 59 -17.50 -33.01 -22.28
N VAL D 60 -18.44 -33.71 -22.93
CA VAL D 60 -19.61 -34.23 -22.23
C VAL D 60 -19.20 -35.15 -21.05
N TYR D 61 -17.99 -35.72 -21.16
CA TYR D 61 -17.29 -36.37 -20.03
C TYR D 61 -17.50 -35.65 -18.70
N THR D 62 -17.19 -34.37 -18.71
CA THR D 62 -17.29 -33.53 -17.52
C THR D 62 -18.66 -32.83 -17.43
N THR D 63 -19.29 -32.58 -18.59
CA THR D 63 -20.65 -32.03 -18.61
C THR D 63 -21.57 -32.67 -17.55
N LEU D 64 -21.53 -34.01 -17.47
CA LEU D 64 -22.39 -34.73 -16.56
C LEU D 64 -21.71 -35.17 -15.29
N PHE D 65 -20.38 -35.18 -15.23
CA PHE D 65 -19.71 -35.37 -13.94
C PHE D 65 -20.11 -34.28 -12.98
N ASN D 66 -20.33 -33.07 -13.50
CA ASN D 66 -21.09 -32.06 -12.78
C ASN D 66 -22.35 -32.69 -12.19
N GLN D 67 -23.25 -33.14 -13.07
CA GLN D 67 -24.55 -33.72 -12.67
C GLN D 67 -24.46 -34.80 -11.59
N ILE D 68 -23.34 -35.52 -11.55
CA ILE D 68 -23.12 -36.55 -10.53
C ILE D 68 -22.92 -35.91 -9.17
N VAL D 69 -21.76 -35.28 -9.00
CA VAL D 69 -21.32 -34.77 -7.71
C VAL D 69 -22.34 -33.78 -7.12
N ILE D 70 -23.29 -33.31 -7.92
CA ILE D 70 -24.37 -32.50 -7.37
C ILE D 70 -25.44 -33.35 -6.68
N THR D 71 -25.79 -34.47 -7.28
CA THR D 71 -26.77 -35.37 -6.65
C THR D 71 -26.24 -35.87 -5.31
N ILE D 72 -24.98 -36.30 -5.31
CA ILE D 72 -24.25 -36.72 -4.12
C ILE D 72 -24.38 -35.72 -2.96
N PHE D 73 -24.40 -34.42 -3.28
CA PHE D 73 -24.59 -33.42 -2.24
C PHE D 73 -26.07 -33.22 -1.90
N THR D 74 -26.91 -33.04 -2.92
CA THR D 74 -28.33 -32.79 -2.73
C THR D 74 -28.94 -33.78 -1.71
N ILE D 75 -28.60 -35.06 -1.91
CA ILE D 75 -28.99 -36.11 -1.00
C ILE D 75 -28.37 -35.85 0.38
N GLU D 76 -27.04 -35.73 0.40
CA GLU D 76 -26.28 -35.55 1.65
C GLU D 76 -26.89 -34.50 2.59
N ILE D 77 -27.32 -33.38 2.03
CA ILE D 77 -27.93 -32.34 2.85
C ILE D 77 -29.21 -32.84 3.51
N ILE D 78 -29.98 -33.64 2.79
CA ILE D 78 -31.20 -34.23 3.35
C ILE D 78 -30.83 -35.18 4.48
N LEU D 79 -29.74 -35.94 4.32
CA LEU D 79 -29.31 -36.89 5.36
C LEU D 79 -29.00 -36.18 6.68
N ARG D 80 -28.18 -35.13 6.60
CA ARG D 80 -27.89 -34.32 7.79
C ARG D 80 -29.16 -33.64 8.32
N ILE D 81 -30.06 -33.24 7.42
CA ILE D 81 -31.34 -32.66 7.81
C ILE D 81 -32.22 -33.67 8.57
N TYR D 82 -32.11 -34.94 8.22
CA TYR D 82 -32.76 -35.99 9.00
C TYR D 82 -32.01 -36.37 10.27
N VAL D 83 -30.74 -36.02 10.36
CA VAL D 83 -30.00 -36.18 11.61
C VAL D 83 -30.17 -34.94 12.47
N HIS D 84 -29.58 -33.83 12.03
CA HIS D 84 -29.60 -32.60 12.82
C HIS D 84 -30.92 -31.92 12.73
N ARG D 85 -31.49 -31.88 11.54
CA ARG D 85 -32.79 -31.27 11.42
C ARG D 85 -32.65 -29.86 11.94
N ILE D 86 -33.46 -29.55 12.96
CA ILE D 86 -33.50 -28.25 13.53
C ILE D 86 -32.10 -27.73 13.90
N SER D 87 -31.20 -28.63 14.31
CA SER D 87 -29.80 -28.28 14.53
C SER D 87 -29.07 -27.77 13.28
N PHE D 88 -29.43 -28.31 12.13
CA PHE D 88 -28.82 -27.97 10.84
C PHE D 88 -29.00 -26.53 10.35
N PHE D 89 -30.19 -25.97 10.48
CA PHE D 89 -30.42 -24.61 9.97
C PHE D 89 -30.07 -23.54 10.97
N LYS D 90 -29.38 -23.91 12.06
CA LYS D 90 -28.90 -22.95 13.04
C LYS D 90 -27.38 -22.99 13.18
N ASP D 91 -26.70 -23.66 12.24
CA ASP D 91 -25.24 -23.58 12.12
C ASP D 91 -24.92 -22.81 10.82
N PRO D 92 -23.99 -21.84 10.88
CA PRO D 92 -23.66 -21.11 9.66
C PRO D 92 -23.15 -22.05 8.56
N TRP D 93 -22.10 -22.82 8.89
CA TRP D 93 -21.38 -23.65 7.92
C TRP D 93 -22.32 -24.62 7.20
N SER D 94 -23.33 -25.09 7.90
CA SER D 94 -24.36 -25.92 7.29
C SER D 94 -25.21 -25.09 6.34
N LEU D 95 -25.80 -24.01 6.87
CA LEU D 95 -26.63 -23.11 6.09
C LEU D 95 -25.94 -22.67 4.79
N PHE D 96 -24.60 -22.55 4.83
CA PHE D 96 -23.84 -22.23 3.63
C PHE D 96 -23.86 -23.35 2.59
N ASP D 97 -23.40 -24.53 3.01
CA ASP D 97 -23.38 -25.73 2.16
C ASP D 97 -24.75 -26.00 1.53
N PHE D 98 -25.80 -25.84 2.33
CA PHE D 98 -27.16 -25.89 1.82
C PHE D 98 -27.31 -24.89 0.68
N PHE D 99 -27.23 -23.60 1.01
CA PHE D 99 -27.39 -22.55 0.00
C PHE D 99 -26.50 -22.78 -1.21
N VAL D 100 -25.25 -23.13 -0.99
CA VAL D 100 -24.33 -23.23 -2.09
C VAL D 100 -24.56 -24.46 -2.93
N VAL D 101 -24.94 -25.57 -2.32
CA VAL D 101 -25.37 -26.71 -3.11
C VAL D 101 -26.63 -26.33 -3.89
N ALA D 102 -27.61 -25.76 -3.17
CA ALA D 102 -28.93 -25.52 -3.77
C ALA D 102 -28.84 -24.56 -4.96
N ILE D 103 -28.00 -23.54 -4.85
CA ILE D 103 -27.83 -22.58 -5.95
C ILE D 103 -27.25 -23.28 -7.19
N SER D 104 -26.49 -24.36 -7.01
CA SER D 104 -26.10 -25.21 -8.14
C SER D 104 -27.31 -25.97 -8.71
N LEU D 105 -28.27 -26.30 -7.85
CA LEU D 105 -29.49 -26.98 -8.32
C LEU D 105 -30.27 -26.14 -9.34
N VAL D 106 -29.97 -24.85 -9.40
CA VAL D 106 -30.51 -23.92 -10.40
C VAL D 106 -30.34 -24.56 -11.78
N PRO D 107 -31.35 -24.42 -12.68
CA PRO D 107 -31.32 -25.23 -13.91
C PRO D 107 -30.33 -24.77 -14.99
N THR D 108 -29.69 -25.73 -15.64
CA THR D 108 -28.74 -25.46 -16.73
C THR D 108 -29.28 -24.47 -17.76
N SER D 109 -30.46 -24.76 -18.29
CA SER D 109 -31.07 -23.92 -19.31
C SER D 109 -31.74 -22.68 -18.69
N SER D 110 -31.92 -21.64 -19.50
CA SER D 110 -32.62 -20.41 -19.10
C SER D 110 -32.06 -19.79 -17.82
N GLY D 111 -32.90 -19.42 -16.85
CA GLY D 111 -32.44 -18.79 -15.63
C GLY D 111 -31.71 -17.52 -16.00
N PHE D 112 -30.44 -17.43 -15.58
CA PHE D 112 -29.55 -16.33 -15.99
C PHE D 112 -28.13 -16.88 -16.21
N GLU D 113 -27.40 -16.37 -17.18
CA GLU D 113 -26.07 -16.90 -17.46
C GLU D 113 -25.07 -16.75 -16.33
N ILE D 114 -25.35 -15.83 -15.41
CA ILE D 114 -24.56 -15.67 -14.16
C ILE D 114 -24.76 -16.81 -13.15
N LEU D 115 -26.00 -17.25 -12.96
CA LEU D 115 -26.27 -18.40 -12.11
C LEU D 115 -25.57 -19.65 -12.65
N ARG D 116 -25.29 -19.66 -13.94
CA ARG D 116 -24.57 -20.78 -14.53
C ARG D 116 -23.07 -20.68 -14.19
N VAL D 117 -22.66 -19.54 -13.63
CA VAL D 117 -21.25 -19.29 -13.34
C VAL D 117 -20.96 -19.22 -11.84
N LEU D 118 -21.97 -18.86 -11.04
CA LEU D 118 -21.93 -19.00 -9.58
C LEU D 118 -21.61 -20.42 -9.07
N ARG D 119 -21.75 -21.42 -9.94
CA ARG D 119 -21.56 -22.80 -9.58
C ARG D 119 -20.24 -23.06 -8.86
N VAL D 120 -19.14 -22.64 -9.47
CA VAL D 120 -17.84 -22.87 -8.89
C VAL D 120 -17.64 -22.17 -7.53
N LEU D 121 -18.69 -21.57 -7.00
CA LEU D 121 -18.78 -21.39 -5.55
C LEU D 121 -18.91 -22.71 -4.76
N ARG D 122 -19.42 -23.76 -5.39
CA ARG D 122 -19.43 -25.07 -4.74
C ARG D 122 -18.03 -25.41 -4.24
N LEU D 123 -17.00 -24.98 -4.94
CA LEU D 123 -15.65 -25.24 -4.49
C LEU D 123 -15.31 -24.53 -3.18
N PHE D 124 -16.27 -23.83 -2.59
CA PHE D 124 -16.06 -23.26 -1.24
C PHE D 124 -16.28 -24.23 -0.11
N ARG D 125 -16.87 -25.39 -0.37
CA ARG D 125 -17.11 -26.38 0.68
C ARG D 125 -15.80 -27.00 1.16
N LEU D 126 -14.69 -26.80 0.42
CA LEU D 126 -13.36 -27.15 0.93
C LEU D 126 -13.08 -26.36 2.21
N VAL D 127 -13.47 -25.09 2.22
CA VAL D 127 -13.50 -24.28 3.44
C VAL D 127 -14.36 -24.98 4.51
N THR D 128 -15.59 -25.29 4.14
CA THR D 128 -16.64 -25.64 5.09
C THR D 128 -16.55 -27.03 5.63
N ALA D 129 -15.96 -27.93 4.86
CA ALA D 129 -15.81 -29.33 5.26
C ALA D 129 -14.47 -29.53 5.91
N VAL D 130 -13.41 -29.09 5.23
CA VAL D 130 -12.09 -29.19 5.82
C VAL D 130 -12.16 -28.33 7.06
N PRO D 131 -11.73 -28.90 8.18
CA PRO D 131 -11.76 -28.24 9.49
C PRO D 131 -10.88 -27.02 9.74
N GLN D 132 -9.67 -26.99 9.19
CA GLN D 132 -8.71 -25.94 9.53
C GLN D 132 -9.10 -24.62 8.79
N MET D 133 -9.68 -24.79 7.62
CA MET D 133 -10.18 -23.68 6.84
C MET D 133 -11.41 -23.06 7.47
N ARG D 134 -12.24 -23.89 8.16
CA ARG D 134 -13.42 -23.40 8.85
C ARG D 134 -13.00 -22.45 9.99
N LYS D 135 -11.89 -22.81 10.66
CA LYS D 135 -11.36 -22.09 11.80
C LYS D 135 -10.86 -20.71 11.48
N ILE D 136 -10.11 -20.60 10.39
CA ILE D 136 -9.57 -19.32 9.96
C ILE D 136 -10.73 -18.40 9.62
N VAL D 137 -11.65 -18.93 8.86
CA VAL D 137 -12.84 -18.17 8.46
C VAL D 137 -13.51 -17.52 9.70
N SER D 138 -13.76 -18.36 10.71
CA SER D 138 -14.25 -17.92 12.03
C SER D 138 -13.36 -16.87 12.69
N ALA D 139 -12.04 -17.06 12.63
CA ALA D 139 -11.12 -16.01 13.05
C ALA D 139 -11.42 -14.77 12.23
N LEU D 140 -11.42 -14.92 10.90
CA LEU D 140 -11.48 -13.77 9.99
C LEU D 140 -12.80 -13.07 10.05
N ILE D 141 -13.87 -13.80 10.28
CA ILE D 141 -15.20 -13.19 10.42
C ILE D 141 -15.39 -12.59 11.83
N SER D 142 -14.46 -12.84 12.74
CA SER D 142 -14.58 -12.34 14.12
C SER D 142 -14.30 -10.86 14.23
N VAL D 143 -13.47 -10.34 13.33
CA VAL D 143 -13.03 -8.94 13.39
C VAL D 143 -14.16 -8.02 12.96
N ILE D 144 -15.11 -8.57 12.20
CA ILE D 144 -16.12 -7.77 11.48
C ILE D 144 -16.85 -6.76 12.35
N PRO D 145 -17.69 -7.23 13.31
CA PRO D 145 -18.47 -6.23 14.06
C PRO D 145 -17.60 -5.37 14.99
N GLY D 146 -16.45 -5.88 15.43
CA GLY D 146 -15.43 -5.06 16.07
C GLY D 146 -14.99 -3.86 15.23
N MET D 147 -15.54 -3.74 14.01
CA MET D 147 -15.37 -2.59 13.16
C MET D 147 -16.69 -1.99 12.65
N LEU D 148 -17.82 -2.64 12.86
CA LEU D 148 -18.97 -2.39 11.98
C LEU D 148 -19.59 -1.02 12.09
N SER D 149 -19.26 -0.29 13.16
CA SER D 149 -19.50 1.16 13.24
C SER D 149 -18.75 1.89 12.13
N VAL D 150 -17.44 1.67 12.06
CA VAL D 150 -16.56 2.36 11.11
C VAL D 150 -16.91 1.98 9.66
N ILE D 151 -17.27 0.72 9.43
CA ILE D 151 -17.82 0.30 8.12
C ILE D 151 -18.98 1.22 7.69
N ALA D 152 -19.82 1.64 8.62
CA ALA D 152 -20.92 2.53 8.30
C ALA D 152 -20.43 3.95 8.13
N LEU D 153 -19.68 4.44 9.13
CA LEU D 153 -19.11 5.78 9.09
C LEU D 153 -18.48 6.11 7.74
N MET D 154 -17.88 5.09 7.11
CA MET D 154 -17.35 5.25 5.78
C MET D 154 -18.45 5.49 4.75
N THR D 155 -19.42 4.55 4.65
CA THR D 155 -20.49 4.66 3.61
C THR D 155 -21.36 5.95 3.78
N LEU D 156 -21.52 6.39 5.02
CA LEU D 156 -22.12 7.69 5.20
C LEU D 156 -21.18 8.69 4.59
N PHE D 157 -19.96 8.79 5.11
CA PHE D 157 -18.96 9.75 4.58
C PHE D 157 -18.85 9.64 3.07
N PHE D 158 -18.53 8.43 2.58
CA PHE D 158 -18.59 8.18 1.17
C PHE D 158 -19.83 8.83 0.50
N TYR D 159 -21.00 8.62 1.09
CA TYR D 159 -22.26 9.13 0.51
C TYR D 159 -22.27 10.63 0.37
N ILE D 160 -21.89 11.29 1.46
CA ILE D 160 -21.88 12.76 1.48
C ILE D 160 -20.85 13.27 0.46
N PHE D 161 -19.81 12.49 0.24
CA PHE D 161 -18.82 12.79 -0.80
C PHE D 161 -19.18 12.31 -2.22
N ALA D 162 -20.10 11.38 -2.37
CA ALA D 162 -20.50 10.91 -3.71
C ALA D 162 -21.48 11.85 -4.39
N ILE D 163 -22.40 12.45 -3.61
CA ILE D 163 -23.28 13.48 -4.13
C ILE D 163 -22.36 14.64 -4.51
N MET D 164 -21.65 15.14 -3.51
CA MET D 164 -20.80 16.29 -3.71
C MET D 164 -20.06 16.17 -5.04
N ALA D 165 -19.59 14.98 -5.40
CA ALA D 165 -18.90 14.85 -6.66
C ALA D 165 -19.82 15.02 -7.81
N THR D 166 -20.92 14.32 -7.80
CA THR D 166 -21.78 14.35 -8.97
C THR D 166 -22.29 15.72 -9.31
N GLN D 167 -22.55 16.54 -8.31
CA GLN D 167 -23.06 17.87 -8.58
C GLN D 167 -21.94 18.88 -8.81
N LEU D 168 -20.70 18.46 -8.74
CA LEU D 168 -19.60 19.32 -9.11
C LEU D 168 -19.22 18.83 -10.48
N PHE D 169 -18.42 17.76 -10.56
CA PHE D 169 -17.73 17.37 -11.78
C PHE D 169 -18.56 16.71 -12.87
N GLY D 170 -19.36 15.70 -12.52
CA GLY D 170 -20.07 14.85 -13.49
C GLY D 170 -20.83 15.48 -14.62
N GLU D 171 -21.07 16.79 -14.50
CA GLU D 171 -21.62 17.58 -15.63
C GLU D 171 -20.66 17.55 -16.83
N ARG D 172 -19.41 18.00 -16.59
CA ARG D 172 -18.32 17.86 -17.56
C ARG D 172 -17.92 16.37 -17.63
N PHE D 173 -17.26 15.88 -16.59
CA PHE D 173 -16.63 14.62 -16.62
C PHE D 173 -17.65 13.50 -16.36
N PRO D 174 -18.28 13.03 -17.41
CA PRO D 174 -19.40 12.13 -17.34
C PRO D 174 -19.06 10.71 -16.89
N GLU D 175 -18.02 10.09 -17.42
CA GLU D 175 -17.78 8.70 -17.11
C GLU D 175 -17.44 8.58 -15.62
N TRP D 176 -16.56 9.42 -15.13
CA TRP D 176 -16.13 9.35 -13.75
C TRP D 176 -17.15 9.77 -12.69
N PHE D 177 -17.93 10.80 -12.93
CA PHE D 177 -18.79 11.34 -11.92
C PHE D 177 -20.21 11.61 -12.44
N GLY D 178 -20.64 10.86 -13.45
CA GLY D 178 -21.97 11.08 -14.02
C GLY D 178 -23.08 10.90 -13.04
N THR D 179 -23.03 9.86 -12.22
CA THR D 179 -24.13 9.52 -11.32
C THR D 179 -23.61 9.18 -9.95
N LEU D 180 -24.56 8.94 -9.06
CA LEU D 180 -24.23 8.46 -7.73
C LEU D 180 -23.37 7.24 -7.91
N GLY D 181 -23.86 6.30 -8.70
CA GLY D 181 -23.06 5.13 -8.96
C GLY D 181 -21.63 5.38 -9.43
N GLU D 182 -21.51 6.04 -10.58
CA GLU D 182 -20.19 6.33 -11.16
C GLU D 182 -19.31 7.17 -10.19
N SER D 183 -19.92 8.08 -9.44
CA SER D 183 -19.15 8.81 -8.48
C SER D 183 -18.56 7.87 -7.41
N PHE D 184 -19.38 6.99 -6.83
CA PHE D 184 -18.89 6.06 -5.77
C PHE D 184 -17.71 5.25 -6.29
N TYR D 185 -17.89 4.61 -7.45
CA TYR D 185 -16.86 3.74 -8.00
C TYR D 185 -15.58 4.51 -8.24
N THR D 186 -15.71 5.73 -8.75
CA THR D 186 -14.52 6.56 -8.97
C THR D 186 -13.84 6.91 -7.66
N LEU D 187 -14.70 7.20 -6.66
CA LEU D 187 -14.26 7.57 -5.28
C LEU D 187 -13.66 6.37 -4.53
N PHE D 188 -14.07 5.14 -4.90
CA PHE D 188 -13.32 4.00 -4.48
C PHE D 188 -11.90 3.90 -5.10
N GLN D 189 -11.83 3.99 -6.43
CA GLN D 189 -10.55 4.04 -7.17
C GLN D 189 -9.45 4.89 -6.49
N VAL D 190 -9.78 6.16 -6.34
CA VAL D 190 -8.97 7.09 -5.53
C VAL D 190 -8.55 6.57 -4.07
N MET D 191 -9.43 5.84 -3.43
CA MET D 191 -9.05 5.22 -2.14
C MET D 191 -7.82 4.29 -2.28
N THR D 192 -7.90 3.33 -3.15
CA THR D 192 -6.78 2.40 -3.31
C THR D 192 -5.56 3.16 -3.81
N LEU D 193 -5.79 4.42 -4.09
CA LEU D 193 -4.80 5.28 -4.68
C LEU D 193 -4.46 4.72 -6.03
N ASP D 194 -5.47 4.54 -6.86
CA ASP D 194 -5.32 3.96 -8.18
C ASP D 194 -5.33 4.93 -9.28
N ASP D 195 -4.19 5.09 -9.86
CA ASP D 195 -4.02 5.99 -10.98
C ASP D 195 -4.46 7.43 -10.62
N TRP D 196 -4.91 7.65 -9.43
CA TRP D 196 -5.72 8.76 -9.04
C TRP D 196 -5.20 10.07 -9.54
N SER D 197 -3.89 10.37 -9.42
CA SER D 197 -3.52 11.74 -9.77
C SER D 197 -3.46 12.08 -11.26
N ASN D 198 -2.71 11.40 -12.03
CA ASN D 198 -2.69 11.62 -13.46
C ASN D 198 -4.02 11.20 -13.96
N GLY D 199 -4.41 9.97 -13.63
CA GLY D 199 -5.52 9.30 -14.26
C GLY D 199 -6.90 9.91 -14.02
N ILE D 200 -7.14 10.58 -12.88
CA ILE D 200 -8.43 11.11 -12.57
C ILE D 200 -8.38 12.62 -12.20
N VAL D 201 -7.51 13.05 -11.30
CA VAL D 201 -7.57 14.37 -10.83
C VAL D 201 -6.83 15.39 -11.68
N ARG D 202 -5.69 15.02 -12.24
CA ARG D 202 -4.94 15.99 -13.01
C ARG D 202 -5.86 16.50 -14.11
N PRO D 203 -6.63 15.58 -14.64
CA PRO D 203 -7.58 15.90 -15.71
C PRO D 203 -8.60 16.88 -15.16
N LEU D 204 -8.99 16.68 -13.91
CA LEU D 204 -9.97 17.56 -13.30
C LEU D 204 -9.34 18.94 -13.15
N MET D 205 -8.05 19.01 -12.97
CA MET D 205 -7.42 20.30 -12.72
C MET D 205 -7.36 21.21 -13.93
N GLU D 206 -7.45 20.61 -15.13
CA GLU D 206 -7.41 21.32 -16.41
C GLU D 206 -8.73 22.14 -16.59
N VAL D 207 -9.82 21.66 -16.01
CA VAL D 207 -11.06 22.38 -16.05
C VAL D 207 -11.44 22.99 -14.68
N TYR D 208 -10.83 22.48 -13.60
CA TYR D 208 -11.27 22.76 -12.27
C TYR D 208 -10.01 22.70 -11.40
N PRO D 209 -9.25 23.81 -11.34
CA PRO D 209 -7.97 23.76 -10.67
C PRO D 209 -8.04 23.53 -9.18
N TYR D 210 -9.24 23.62 -8.63
CA TYR D 210 -9.46 23.48 -7.20
C TYR D 210 -9.97 22.09 -6.76
N ALA D 211 -9.82 21.08 -7.60
CA ALA D 211 -10.24 19.74 -7.20
C ALA D 211 -9.28 19.11 -6.18
N TRP D 212 -8.02 19.55 -6.10
CA TRP D 212 -7.12 19.09 -5.04
C TRP D 212 -7.55 19.46 -3.60
N VAL D 213 -8.79 20.02 -3.48
CA VAL D 213 -9.50 20.25 -2.24
C VAL D 213 -10.64 19.24 -1.99
N PHE D 214 -11.18 18.59 -3.02
CA PHE D 214 -12.05 17.41 -2.84
C PHE D 214 -11.26 16.15 -2.64
N PHE D 215 -9.93 16.18 -2.63
CA PHE D 215 -9.21 14.92 -2.88
C PHE D 215 -7.97 14.67 -2.04
N ILE D 216 -7.07 15.65 -1.95
CA ILE D 216 -5.93 15.48 -1.08
C ILE D 216 -6.44 15.31 0.37
N PRO D 217 -7.53 16.05 0.76
CA PRO D 217 -8.26 15.73 1.98
C PRO D 217 -9.03 14.42 1.99
N PHE D 218 -9.99 14.23 1.06
CA PHE D 218 -10.70 12.96 0.93
C PHE D 218 -9.69 11.78 1.02
N ILE D 219 -8.41 12.05 0.71
CA ILE D 219 -7.35 11.10 0.89
C ILE D 219 -7.00 10.88 2.36
N PHE D 220 -6.50 11.92 3.02
CA PHE D 220 -6.05 11.78 4.37
C PHE D 220 -7.13 11.15 5.22
N VAL D 221 -8.34 11.72 5.12
CA VAL D 221 -9.48 11.14 5.85
C VAL D 221 -9.62 9.65 5.58
N VAL D 222 -9.61 9.26 4.34
CA VAL D 222 -9.68 7.87 4.02
C VAL D 222 -8.54 7.11 4.67
N THR D 223 -7.33 7.58 4.51
CA THR D 223 -6.16 6.81 4.98
C THR D 223 -5.77 7.16 6.42
N PHE D 224 -6.53 8.03 7.06
CA PHE D 224 -6.46 8.15 8.53
C PHE D 224 -7.30 7.03 9.15
N VAL D 225 -8.58 6.98 8.75
CA VAL D 225 -9.55 5.96 9.15
C VAL D 225 -9.02 4.54 9.00
N MET D 226 -8.78 4.13 7.76
CA MET D 226 -8.34 2.76 7.48
C MET D 226 -7.09 2.35 8.33
N ILE D 227 -6.20 3.31 8.57
CA ILE D 227 -5.08 3.06 9.43
C ILE D 227 -5.53 2.81 10.87
N ASN D 228 -6.53 3.57 11.31
CA ASN D 228 -7.12 3.37 12.62
C ASN D 228 -8.05 2.17 12.61
N LEU D 229 -8.68 1.87 11.46
CA LEU D 229 -9.46 0.65 11.31
C LEU D 229 -8.56 -0.54 11.56
N VAL D 230 -7.29 -0.43 11.18
CA VAL D 230 -6.38 -1.57 11.28
C VAL D 230 -5.66 -1.60 12.62
N VAL D 231 -5.18 -0.46 13.10
CA VAL D 231 -4.61 -0.42 14.43
C VAL D 231 -5.68 -0.84 15.46
N ALA D 232 -6.96 -0.74 15.08
CA ALA D 232 -8.03 -1.37 15.85
C ALA D 232 -7.90 -2.90 15.84
N ILE D 233 -7.82 -3.42 14.63
CA ILE D 233 -7.80 -4.82 14.46
C ILE D 233 -6.63 -5.30 15.26
N ILE D 234 -5.49 -4.64 15.15
CA ILE D 234 -4.38 -5.02 16.00
C ILE D 234 -4.76 -4.69 17.42
N VAL D 235 -5.40 -3.55 17.68
CA VAL D 235 -5.79 -3.28 19.06
C VAL D 235 -6.87 -4.17 19.67
N ASP D 236 -7.96 -4.44 18.95
CA ASP D 236 -9.00 -5.27 19.54
C ASP D 236 -8.39 -6.63 19.74
N ALA D 237 -7.79 -7.15 18.69
CA ALA D 237 -7.01 -8.38 18.82
C ALA D 237 -5.88 -8.28 19.84
N MET D 238 -5.25 -7.13 19.98
CA MET D 238 -4.25 -6.96 21.05
C MET D 238 -4.90 -6.85 22.43
N ALA D 239 -6.06 -6.23 22.47
CA ALA D 239 -6.82 -5.95 23.71
C ALA D 239 -7.28 -7.22 24.41
N ILE D 240 -7.58 -8.24 23.62
CA ILE D 240 -8.05 -9.50 24.18
C ILE D 240 -6.93 -10.26 24.89
N LEU D 241 -5.68 -10.06 24.47
CA LEU D 241 -4.53 -10.77 25.02
C LEU D 241 -4.21 -10.54 26.51
N ASN D 242 -4.16 -9.30 26.93
CA ASN D 242 -3.74 -9.00 28.29
C ASN D 242 -4.94 -8.80 29.19
N GLN D 243 -4.74 -8.07 30.28
CA GLN D 243 -5.78 -7.70 31.23
C GLN D 243 -6.51 -8.88 31.91
N LYS D 244 -5.82 -10.00 32.03
CA LYS D 244 -6.39 -11.16 32.68
C LYS D 244 -5.50 -11.58 33.83
N GLU D 245 -5.45 -10.74 34.85
CA GLU D 245 -4.53 -10.91 36.00
C GLU D 245 -5.11 -10.33 37.31
O1 PX4 E . 15.68 -17.42 -24.44
O2 PX4 E . 13.21 -16.89 -25.17
P1 PX4 E . 14.22 -17.25 -24.04
O3 PX4 E . 13.79 -18.68 -23.31
O4 PX4 E . 14.16 -16.03 -22.90
C6 PX4 E . 14.99 -16.14 -21.77
C7 PX4 E . 14.14 -16.70 -20.60
C8 PX4 E . 13.15 -15.56 -20.18
O5 PX4 E . 13.11 -15.45 -18.78
O7 PX4 E . 13.56 -17.97 -20.93
O1 PX4 F . 22.69 5.68 -12.88
O2 PX4 F . 20.79 4.89 -14.02
P1 PX4 F . 22.05 4.38 -13.33
O3 PX4 F . 23.00 3.48 -14.38
C1 PX4 F . 23.80 4.17 -15.31
O4 PX4 F . 21.69 3.41 -12.03
C6 PX4 F . 22.20 3.65 -10.73
C7 PX4 F . 21.35 3.00 -9.63
C8 PX4 F . 19.91 3.61 -9.54
O5 PX4 F . 18.93 2.77 -8.94
C9 PX4 F . 18.14 3.24 -7.86
O6 PX4 F . 17.37 4.39 -8.17
C10 PX4 F . 17.15 2.10 -7.49
C11 PX4 F . 17.69 0.94 -6.67
C12 PX4 F . 17.61 1.03 -5.11
C13 PX4 F . 17.13 -0.28 -4.38
C14 PX4 F . 17.81 -0.55 -3.01
C15 PX4 F . 17.55 -1.95 -2.44
C16 PX4 F . 17.52 -2.11 -0.90
C17 PX4 F . 16.11 -2.30 -0.36
O7 PX4 F . 21.40 1.62 -9.88
O1 PX4 G . 5.40 32.64 -9.86
O2 PX4 G . 2.76 32.81 -9.67
P1 PX4 G . 4.21 32.79 -8.87
O3 PX4 G . 4.24 34.13 -8.17
O4 PX4 G . 4.28 31.58 -7.74
C6 PX4 G . 3.12 31.13 -7.12
C7 PX4 G . 3.52 30.48 -5.81
C8 PX4 G . 3.24 31.41 -4.59
O5 PX4 G . 4.37 31.49 -3.76
O7 PX4 G . 2.85 29.24 -5.71
O1 PX4 H . 30.58 -0.27 -19.46
O2 PX4 H . 28.67 0.18 -20.92
P1 PX4 H . 29.20 0.42 -19.52
O3 PX4 H . 29.30 2.06 -19.29
O4 PX4 H . 28.21 -0.29 -18.35
C6 PX4 H . 28.31 0.22 -17.03
C7 PX4 H . 27.49 -0.64 -16.06
C8 PX4 H . 28.39 -1.67 -15.30
O5 PX4 H . 28.92 -1.26 -14.07
O7 PX4 H . 26.77 0.26 -15.22
CA CA I . -0.55 3.58 -12.86
O1 PX4 J . 22.97 18.96 -13.79
O2 PX4 J . 21.28 20.09 -15.23
P1 PX4 J . 21.78 18.75 -14.71
O3 PX4 J . 22.25 17.83 -16.02
O4 PX4 J . 20.61 17.98 -13.82
C6 PX4 J . 20.26 18.43 -12.54
C7 PX4 J . 20.58 17.38 -11.47
C8 PX4 J . 19.62 16.20 -11.67
O5 PX4 J . 18.40 16.43 -10.97
O7 PX4 J . 21.95 17.00 -11.56
O1 PX4 K . -0.25 25.98 -6.48
O2 PX4 K . -2.79 25.75 -6.16
P1 PX4 K . -1.41 25.12 -5.98
O3 PX4 K . -1.30 23.66 -6.72
C1 PX4 K . -1.82 23.32 -7.99
O4 PX4 K . -1.27 24.88 -4.32
C6 PX4 K . -0.69 23.75 -3.75
C7 PX4 K . -1.54 23.16 -2.59
C8 PX4 K . -1.78 21.64 -2.73
O5 PX4 K . -0.79 20.84 -2.10
C9 PX4 K . -1.26 19.89 -1.09
O6 PX4 K . -1.89 18.78 -1.66
C10 PX4 K . -0.06 19.38 -0.26
C11 PX4 K . 0.04 17.91 0.12
C12 PX4 K . 0.04 17.67 1.64
C13 PX4 K . 1.36 18.04 2.37
C14 PX4 K . 1.47 17.46 3.81
C15 PX4 K . 2.17 16.10 3.91
C16 PX4 K . 1.94 15.36 5.28
C17 PX4 K . 1.66 13.84 5.18
O7 PX4 K . -0.89 23.49 -1.34
CA CA L . -1.46 1.58 -9.48
O1 PX4 M . 1.20 -19.64 -18.65
O2 PX4 M . 0.49 -17.33 -18.39
P1 PX4 M . -0.02 -18.77 -18.27
O3 PX4 M . -1.26 -18.96 -19.37
C1 PX4 M . -1.40 -20.19 -20.06
O4 PX4 M . -0.56 -19.06 -16.70
C6 PX4 M . 0.36 -18.96 -15.64
C7 PX4 M . -0.32 -18.88 -14.26
C8 PX4 M . -0.48 -17.42 -13.79
O5 PX4 M . 0.40 -17.15 -12.72
C9 PX4 M . 0.17 -16.01 -11.93
O6 PX4 M . -1.19 -15.75 -11.90
C10 PX4 M . 0.62 -16.30 -10.46
C11 PX4 M . 0.10 -15.28 -9.38
C12 PX4 M . -1.18 -15.67 -8.64
C13 PX4 M . -1.13 -15.32 -7.14
C14 PX4 M . -1.15 -16.54 -6.13
C15 PX4 M . -1.98 -16.26 -4.90
C16 PX4 M . -1.23 -15.48 -3.82
C17 PX4 M . -1.99 -15.51 -2.46
O7 PX4 M . -1.55 -19.54 -14.31
O1 PX4 N . -24.57 -9.06 -17.45
O2 PX4 N . -23.61 -8.55 -19.56
P1 PX4 N . -23.58 -9.58 -18.46
O3 PX4 N . -23.94 -11.06 -19.14
O4 PX4 N . -22.06 -9.70 -17.80
C6 PX4 N . -21.69 -10.77 -16.96
C7 PX4 N . -21.56 -10.24 -15.55
C8 PX4 N . -20.59 -9.05 -15.38
O5 PX4 N . -19.75 -9.20 -14.24
O7 PX4 N . -22.84 -9.80 -15.17
O1 PX4 O . -23.71 3.76 -12.00
O2 PX4 O . -24.23 1.43 -12.25
P1 PX4 O . -23.23 2.38 -11.64
O3 PX4 O . -21.69 2.06 -12.28
C1 PX4 O . -21.44 1.75 -13.63
O4 PX4 O . -23.17 2.03 -10.02
C6 PX4 O . -21.94 1.64 -9.49
C7 PX4 O . -22.06 1.43 -7.98
C8 PX4 O . -20.64 1.39 -7.36
O5 PX4 O . -20.73 0.96 -6.01
C9 PX4 O . -19.59 0.36 -5.37
O6 PX4 O . -18.32 0.61 -5.92
C10 PX4 O . -19.53 0.84 -3.91
C11 PX4 O . -18.14 1.15 -3.37
C12 PX4 O . -18.17 1.07 -1.87
C13 PX4 O . -17.06 1.85 -1.18
C14 PX4 O . -17.43 2.14 0.29
C15 PX4 O . -16.77 1.18 1.30
C16 PX4 O . -16.43 1.96 2.59
C17 PX4 O . -15.73 1.12 3.68
O7 PX4 O . -22.91 2.40 -7.39
O1 PX4 P . -29.26 6.92 -13.23
O2 PX4 P . -31.57 8.01 -13.27
P1 PX4 P . -30.07 8.03 -12.60
O3 PX4 P . -29.57 9.46 -12.88
O4 PX4 P . -30.03 7.81 -10.96
C6 PX4 P . -28.84 8.04 -10.23
C7 PX4 P . -28.17 6.70 -9.85
C8 PX4 P . -29.06 5.90 -8.87
O5 PX4 P . -28.24 5.27 -7.92
O7 PX4 P . -27.88 5.96 -11.01
O1 PX4 Q . -15.73 27.10 -8.57
O2 PX4 Q . -16.70 26.79 -10.88
P1 PX4 Q . -15.59 26.42 -9.93
O3 PX4 Q . -14.17 26.84 -10.64
O4 PX4 Q . -15.63 24.77 -9.79
C6 PX4 Q . -16.22 24.10 -8.70
C7 PX4 Q . -15.18 23.89 -7.59
C8 PX4 Q . -13.90 23.12 -8.10
O5 PX4 Q . -14.12 21.75 -8.18
O7 PX4 Q . -14.88 25.15 -7.04
O1 PX4 R . -5.55 -26.01 -23.09
O2 PX4 R . -6.36 -23.97 -24.22
P1 PX4 R . -5.29 -24.52 -23.10
O3 PX4 R . -3.85 -24.26 -23.62
O4 PX4 R . -5.54 -23.87 -21.55
C6 PX4 R . -5.28 -24.75 -20.47
C7 PX4 R . -5.35 -24.05 -19.10
C8 PX4 R . -5.22 -25.08 -17.98
O5 PX4 R . -6.24 -26.02 -18.01
O7 PX4 R . -4.28 -23.11 -18.92
C13 D6C S . -7.02 0.58 -0.09
C15 D6C S . -5.24 -0.94 0.41
C21 D6C S . -2.03 -3.44 -0.73
C22 D6C S . -0.67 -2.49 0.87
C28 D6C S . 0.45 -0.40 -1.72
C01 D6C S . 0.30 8.35 2.07
O02 D6C S . 0.59 7.14 2.71
C03 D6C S . -0.15 6.08 2.21
C04 D6C S . -0.76 5.14 3.02
C05 D6C S . -1.49 4.11 2.45
C06 D6C S . -1.60 4.03 1.08
C07 D6C S . -0.98 4.98 0.29
C08 D6C S . -0.27 6.00 0.85
C09 D6C S . -2.38 2.94 0.36
S10 D6C S . -3.93 2.80 1.25
C11 D6C S . -4.91 1.38 0.75
C12 D6C S . -6.20 1.61 0.31
C14 D6C S . -6.53 -0.72 -0.02
C16 D6C S . -4.39 0.13 0.78
N17 D6C S . -3.03 -0.15 1.32
C18 D6C S . -3.05 -1.32 2.19
C19 D6C S . -2.97 -2.56 1.30
N20 D6C S . -1.97 -2.39 0.26
C23 D6C S . -1.72 0.49 1.20
O24 D6C S . -0.78 0.06 1.78
C25 D6C S . -1.45 1.71 0.33
O26 D6C S . -1.34 1.24 -0.99
C27 D6C S . -0.03 1.00 -1.42
O29 D6C S . 0.71 1.90 -1.56
#